data_5I01
#
_entry.id   5I01
#
_cell.length_a   114.360
_cell.length_b   130.150
_cell.length_c   47.150
_cell.angle_alpha   90.000
_cell.angle_beta   90.000
_cell.angle_gamma   90.000
#
_symmetry.space_group_name_H-M   'P 21 21 2'
#
loop_
_entity.id
_entity.type
_entity.pdbx_description
1 polymer 'Phosphoheptose isomerase'
2 non-polymer 'ZINC ION'
3 water water
#
_entity_poly.entity_id   1
_entity_poly.type   'polypeptide(L)'
_entity_poly.pdbx_seq_one_letter_code
;GAMATLQERVAAHFAESIRAKQEAEKILVEPTVQAAELMLQCLMNDGKILACGNGGSAADAQHFAAEMTGRFEKERMELA
AVALTTDTSALTAIGNDYGFDHVFSKQVRALGRAGDVLVGISTSGNSANVIEAVKAAHERDMHVIALTGRDGGKIAAMLK
DTDVLLNVPHPRTARIQENHILLIHAMCDCIDSVLLEGMKLAAA
;
_entity_poly.pdbx_strand_id   A,B,C,D
#
loop_
_chem_comp.id
_chem_comp.type
_chem_comp.name
_chem_comp.formula
ZN non-polymer 'ZINC ION' 'Zn 2'
#
# COMPACT_ATOMS: atom_id res chain seq x y z
N THR A 5 14.23 -32.35 12.98
CA THR A 5 15.00 -32.14 11.71
C THR A 5 14.19 -31.26 10.74
N LEU A 6 14.88 -30.31 10.13
CA LEU A 6 14.28 -29.36 9.19
C LEU A 6 13.65 -30.03 7.96
N GLN A 7 14.29 -31.10 7.48
CA GLN A 7 13.75 -31.93 6.39
C GLN A 7 12.37 -32.51 6.76
N GLU A 8 12.28 -33.16 7.93
CA GLU A 8 11.01 -33.72 8.43
C GLU A 8 9.95 -32.65 8.72
N ARG A 9 10.38 -31.51 9.24
CA ARG A 9 9.48 -30.38 9.51
C ARG A 9 8.87 -29.83 8.22
N VAL A 10 9.68 -29.61 7.19
CA VAL A 10 9.17 -29.17 5.87
C VAL A 10 8.23 -30.22 5.25
N ALA A 11 8.66 -31.49 5.28
CA ALA A 11 7.82 -32.62 4.80
C ALA A 11 6.45 -32.62 5.47
N ALA A 12 6.46 -32.44 6.79
CA ALA A 12 5.24 -32.37 7.60
C ALA A 12 4.29 -31.25 7.15
N HIS A 13 4.84 -30.09 6.81
CA HIS A 13 4.06 -28.97 6.26
C HIS A 13 3.31 -29.30 4.99
N PHE A 14 4.02 -29.85 3.99
CA PHE A 14 3.41 -30.38 2.76
C PHE A 14 2.30 -31.40 3.04
N ALA A 15 2.61 -32.41 3.85
CA ALA A 15 1.65 -33.48 4.16
C ALA A 15 0.42 -32.91 4.85
N GLU A 16 0.64 -32.04 5.84
CA GLU A 16 -0.46 -31.37 6.52
C GLU A 16 -1.30 -30.53 5.55
N SER A 17 -0.64 -29.82 4.63
CA SER A 17 -1.34 -28.98 3.64
C SER A 17 -2.14 -29.81 2.64
N ILE A 18 -1.58 -30.94 2.20
CA ILE A 18 -2.33 -31.90 1.39
C ILE A 18 -3.56 -32.42 2.16
N ARG A 19 -3.36 -32.94 3.39
CA ARG A 19 -4.48 -33.43 4.22
C ARG A 19 -5.59 -32.39 4.36
N ALA A 20 -5.20 -31.16 4.64
CA ALA A 20 -6.16 -30.05 4.81
C ALA A 20 -7.01 -29.79 3.59
N LYS A 21 -6.41 -29.90 2.41
CA LYS A 21 -7.13 -29.68 1.15
C LYS A 21 -8.01 -30.85 0.76
N GLN A 22 -7.60 -32.07 1.07
CA GLN A 22 -8.44 -33.24 0.85
C GLN A 22 -9.76 -33.21 1.65
N GLU A 23 -9.73 -32.65 2.86
CA GLU A 23 -10.92 -32.52 3.70
C GLU A 23 -11.83 -31.39 3.23
N ALA A 24 -11.26 -30.23 2.95
CA ALA A 24 -12.03 -29.09 2.41
C ALA A 24 -12.70 -29.43 1.08
N GLU A 25 -12.04 -30.29 0.28
CA GLU A 25 -12.59 -30.84 -0.97
C GLU A 25 -13.95 -31.54 -0.77
N LYS A 26 -14.13 -32.19 0.37
CA LYS A 26 -15.39 -32.88 0.66
C LYS A 26 -16.57 -31.93 0.96
N ILE A 27 -16.30 -30.78 1.56
CA ILE A 27 -17.37 -29.92 2.10
C ILE A 27 -17.45 -28.46 1.61
N LEU A 28 -16.53 -28.03 0.74
CA LEU A 28 -16.47 -26.63 0.26
C LEU A 28 -16.72 -26.48 -1.24
N VAL A 29 -17.11 -27.55 -1.93
CA VAL A 29 -17.42 -27.43 -3.35
C VAL A 29 -18.73 -26.68 -3.56
N GLU A 30 -19.81 -27.12 -2.89
CA GLU A 30 -21.14 -26.46 -3.06
C GLU A 30 -21.15 -24.99 -2.60
N PRO A 31 -20.61 -24.68 -1.39
CA PRO A 31 -20.55 -23.29 -0.94
C PRO A 31 -19.72 -22.37 -1.85
N THR A 32 -18.54 -22.81 -2.27
CA THR A 32 -17.71 -22.07 -3.24
C THR A 32 -18.50 -21.71 -4.51
N VAL A 33 -19.31 -22.64 -5.02
CA VAL A 33 -20.17 -22.36 -6.18
C VAL A 33 -21.19 -21.28 -5.80
N GLN A 34 -21.84 -21.40 -4.64
CA GLN A 34 -22.81 -20.39 -4.17
C GLN A 34 -22.18 -18.99 -4.07
N ALA A 35 -20.94 -18.92 -3.57
CA ALA A 35 -20.21 -17.66 -3.42
C ALA A 35 -19.88 -17.01 -4.76
N ALA A 36 -19.45 -17.83 -5.73
CA ALA A 36 -19.18 -17.37 -7.08
C ALA A 36 -20.46 -16.91 -7.80
N GLU A 37 -21.54 -17.69 -7.67
CA GLU A 37 -22.84 -17.33 -8.24
C GLU A 37 -23.30 -15.97 -7.73
N LEU A 38 -23.17 -15.76 -6.42
CA LEU A 38 -23.50 -14.47 -5.79
C LEU A 38 -22.68 -13.30 -6.34
N MET A 39 -21.39 -13.51 -6.58
CA MET A 39 -20.53 -12.48 -7.17
C MET A 39 -20.87 -12.18 -8.65
N LEU A 40 -21.25 -13.22 -9.41
CA LEU A 40 -21.74 -13.05 -10.79
C LEU A 40 -23.03 -12.25 -10.90
N GLN A 41 -23.98 -12.52 -9.99
CA GLN A 41 -25.24 -11.78 -9.90
C GLN A 41 -24.99 -10.30 -9.58
N CYS A 42 -24.11 -10.05 -8.61
CA CYS A 42 -23.74 -8.70 -8.21
C CYS A 42 -23.08 -7.90 -9.33
N LEU A 43 -22.10 -8.51 -9.98
CA LEU A 43 -21.36 -7.88 -11.10
C LEU A 43 -22.25 -7.57 -12.29
N MET A 44 -23.07 -8.54 -12.69
CA MET A 44 -24.03 -8.36 -13.80
C MET A 44 -25.13 -7.32 -13.54
N ASN A 45 -25.43 -7.02 -12.26
CA ASN A 45 -26.31 -5.91 -11.89
C ASN A 45 -25.51 -4.63 -11.56
N ASP A 46 -24.40 -4.41 -12.28
CA ASP A 46 -23.52 -3.24 -12.13
C ASP A 46 -22.97 -2.99 -10.72
N GLY A 47 -22.92 -4.04 -9.88
CA GLY A 47 -22.44 -3.92 -8.50
C GLY A 47 -20.92 -4.09 -8.44
N LYS A 48 -20.39 -3.97 -7.21
CA LYS A 48 -18.97 -4.18 -6.96
C LYS A 48 -18.74 -5.06 -5.73
N ILE A 49 -17.54 -5.65 -5.65
CA ILE A 49 -17.12 -6.47 -4.53
C ILE A 49 -16.04 -5.74 -3.72
N LEU A 50 -16.28 -5.59 -2.41
CA LEU A 50 -15.29 -5.09 -1.48
C LEU A 50 -14.69 -6.28 -0.73
N ALA A 51 -13.36 -6.28 -0.54
CA ALA A 51 -12.67 -7.35 0.20
C ALA A 51 -11.90 -6.75 1.37
N CYS A 52 -11.89 -7.46 2.49
CA CYS A 52 -11.07 -7.05 3.63
C CYS A 52 -10.60 -8.23 4.51
N GLY A 53 -9.56 -7.98 5.29
CA GLY A 53 -8.94 -8.98 6.15
C GLY A 53 -7.67 -8.45 6.77
N ASN A 54 -7.12 -9.19 7.76
CA ASN A 54 -5.86 -8.81 8.45
C ASN A 54 -4.69 -9.75 8.17
N GLY A 55 -3.47 -9.20 8.20
CA GLY A 55 -2.25 -10.01 8.08
C GLY A 55 -2.12 -10.69 6.73
N GLY A 56 -1.98 -12.01 6.74
CA GLY A 56 -2.00 -12.79 5.50
C GLY A 56 -3.31 -12.64 4.74
N SER A 57 -4.39 -12.37 5.44
CA SER A 57 -5.68 -12.15 4.80
C SER A 57 -5.81 -10.80 4.11
N ALA A 58 -4.98 -9.83 4.52
CA ALA A 58 -4.92 -8.53 3.85
C ALA A 58 -4.27 -8.72 2.50
N ALA A 59 -3.20 -9.50 2.47
CA ALA A 59 -2.57 -9.95 1.24
C ALA A 59 -3.56 -10.69 0.34
N ASP A 60 -4.36 -11.57 0.90
CA ASP A 60 -5.38 -12.29 0.13
C ASP A 60 -6.45 -11.36 -0.46
N ALA A 61 -6.87 -10.36 0.29
CA ALA A 61 -7.86 -9.41 -0.19
C ALA A 61 -7.36 -8.66 -1.42
N GLN A 62 -6.11 -8.17 -1.38
CA GLN A 62 -5.58 -7.40 -2.51
C GLN A 62 -5.20 -8.29 -3.70
N HIS A 63 -4.85 -9.56 -3.42
CA HIS A 63 -4.63 -10.60 -4.44
C HIS A 63 -5.95 -10.87 -5.22
N PHE A 64 -7.04 -11.12 -4.49
CA PHE A 64 -8.38 -11.25 -5.09
C PHE A 64 -8.77 -10.07 -5.98
N ALA A 65 -8.70 -8.86 -5.43
CA ALA A 65 -9.05 -7.64 -6.16
C ALA A 65 -8.19 -7.40 -7.39
N ALA A 66 -6.89 -7.69 -7.30
CA ALA A 66 -5.97 -7.55 -8.44
C ALA A 66 -6.28 -8.52 -9.60
N GLU A 67 -6.73 -9.73 -9.30
CA GLU A 67 -7.15 -10.66 -10.36
C GLU A 67 -8.52 -10.30 -10.99
N MET A 68 -9.34 -9.53 -10.29
CA MET A 68 -10.57 -8.98 -10.88
C MET A 68 -10.30 -7.79 -11.80
N THR A 69 -9.42 -6.88 -11.39
CA THR A 69 -9.15 -5.67 -12.17
C THR A 69 -8.24 -5.90 -13.39
N GLY A 70 -7.41 -6.96 -13.36
CA GLY A 70 -6.60 -7.36 -14.51
C GLY A 70 -7.32 -8.33 -15.42
N MET A 77 -12.00 -8.68 -19.71
CA MET A 77 -12.46 -7.37 -19.28
C MET A 77 -12.31 -7.14 -17.76
N GLU A 78 -12.33 -5.87 -17.37
CA GLU A 78 -12.04 -5.45 -15.99
C GLU A 78 -13.31 -5.42 -15.12
N LEU A 79 -13.23 -6.02 -13.92
CA LEU A 79 -14.38 -6.23 -13.04
C LEU A 79 -14.28 -5.34 -11.79
N ALA A 80 -15.43 -4.94 -11.27
CA ALA A 80 -15.49 -3.99 -10.15
C ALA A 80 -15.14 -4.67 -8.82
N ALA A 81 -13.91 -4.50 -8.36
CA ALA A 81 -13.48 -5.02 -7.07
C ALA A 81 -12.41 -4.15 -6.43
N VAL A 82 -12.64 -3.78 -5.15
CA VAL A 82 -11.74 -2.93 -4.37
C VAL A 82 -11.33 -3.66 -3.08
N ALA A 83 -10.05 -3.78 -2.81
CA ALA A 83 -9.60 -4.25 -1.52
C ALA A 83 -9.61 -3.06 -0.58
N LEU A 84 -10.14 -3.23 0.62
CA LEU A 84 -10.19 -2.16 1.63
C LEU A 84 -8.94 -2.13 2.52
N THR A 85 -7.91 -2.86 2.14
CA THR A 85 -6.72 -3.04 2.98
C THR A 85 -5.48 -2.37 2.37
N THR A 86 -5.65 -1.48 1.40
CA THR A 86 -4.51 -0.91 0.64
C THR A 86 -4.22 0.56 0.96
N ASP A 87 -5.25 1.38 1.17
CA ASP A 87 -5.06 2.82 1.44
C ASP A 87 -4.52 3.03 2.86
N THR A 88 -3.22 3.28 2.96
CA THR A 88 -2.55 3.39 4.25
C THR A 88 -2.89 4.70 4.95
N SER A 89 -3.19 5.75 4.20
CA SER A 89 -3.68 6.99 4.83
C SER A 89 -5.04 6.77 5.51
N ALA A 90 -5.90 5.95 4.91
CA ALA A 90 -7.20 5.61 5.48
C ALA A 90 -7.08 4.67 6.67
N LEU A 91 -6.27 3.62 6.53
CA LEU A 91 -6.03 2.71 7.64
C LEU A 91 -5.45 3.44 8.88
N THR A 92 -4.40 4.23 8.68
CA THR A 92 -3.76 4.94 9.80
C THR A 92 -4.59 6.09 10.35
N ALA A 93 -5.36 6.76 9.50
CA ALA A 93 -6.22 7.84 9.98
C ALA A 93 -7.30 7.30 10.88
N ILE A 94 -7.97 6.23 10.45
CA ILE A 94 -9.12 5.68 11.16
C ILE A 94 -8.65 4.97 12.43
N GLY A 95 -7.56 4.20 12.32
CA GLY A 95 -6.94 3.56 13.49
C GLY A 95 -6.55 4.54 14.59
N ASN A 96 -5.86 5.61 14.19
CA ASN A 96 -5.46 6.65 15.13
C ASN A 96 -6.67 7.39 15.70
N ASP A 97 -7.54 7.88 14.82
CA ASP A 97 -8.62 8.78 15.24
C ASP A 97 -9.75 8.01 15.92
N TYR A 98 -10.38 7.09 15.20
CA TYR A 98 -11.52 6.37 15.74
C TYR A 98 -11.11 5.12 16.54
N GLY A 99 -10.23 4.30 15.96
CA GLY A 99 -9.84 3.03 16.56
C GLY A 99 -9.75 1.96 15.51
N PHE A 100 -8.92 0.96 15.75
CA PHE A 100 -8.60 -0.05 14.73
C PHE A 100 -9.80 -0.89 14.27
N ASP A 101 -10.81 -1.04 15.13
CA ASP A 101 -11.97 -1.88 14.81
C ASP A 101 -12.93 -1.27 13.76
N HIS A 102 -12.73 0.00 13.39
CA HIS A 102 -13.54 0.67 12.39
C HIS A 102 -12.79 0.90 11.06
N VAL A 103 -11.60 0.33 10.90
CA VAL A 103 -10.82 0.58 9.67
C VAL A 103 -11.45 0.05 8.39
N PHE A 104 -12.21 -1.04 8.48
CA PHE A 104 -12.93 -1.60 7.33
C PHE A 104 -14.39 -1.12 7.26
N SER A 105 -15.06 -1.11 8.40
CA SER A 105 -16.45 -0.65 8.46
C SER A 105 -16.69 0.79 7.97
N LYS A 106 -15.71 1.69 8.12
CA LYS A 106 -15.84 3.06 7.61
C LYS A 106 -15.71 3.16 6.08
N GLN A 107 -14.81 2.36 5.52
CA GLN A 107 -14.68 2.29 4.06
C GLN A 107 -15.89 1.64 3.39
N VAL A 108 -16.53 0.70 4.08
CA VAL A 108 -17.77 0.07 3.59
C VAL A 108 -18.89 1.11 3.55
N ARG A 109 -19.02 1.90 4.61
CA ARG A 109 -19.96 3.03 4.63
C ARG A 109 -19.66 4.10 3.55
N ALA A 110 -18.40 4.33 3.23
CA ALA A 110 -18.03 5.22 2.10
C ALA A 110 -18.42 4.64 0.74
N LEU A 111 -17.89 3.46 0.42
CA LEU A 111 -17.96 2.89 -0.92
C LEU A 111 -19.20 2.03 -1.22
N GLY A 112 -19.71 1.32 -0.21
CA GLY A 112 -20.74 0.31 -0.41
C GLY A 112 -22.08 0.86 -0.86
N ARG A 113 -22.79 0.07 -1.65
CA ARG A 113 -24.17 0.38 -2.03
C ARG A 113 -24.97 -0.90 -1.93
N ALA A 114 -26.29 -0.78 -2.05
CA ALA A 114 -27.19 -1.94 -2.03
C ALA A 114 -26.87 -2.85 -3.20
N GLY A 115 -26.84 -4.16 -2.93
CA GLY A 115 -26.50 -5.17 -3.94
C GLY A 115 -25.02 -5.52 -4.08
N ASP A 116 -24.10 -4.70 -3.54
CA ASP A 116 -22.65 -4.99 -3.56
C ASP A 116 -22.34 -6.19 -2.67
N VAL A 117 -21.08 -6.63 -2.71
CA VAL A 117 -20.67 -7.81 -1.96
C VAL A 117 -19.41 -7.51 -1.15
N LEU A 118 -19.46 -7.84 0.13
CA LEU A 118 -18.31 -7.80 1.00
C LEU A 118 -17.78 -9.21 1.16
N VAL A 119 -16.49 -9.37 0.86
CA VAL A 119 -15.78 -10.60 1.14
C VAL A 119 -14.93 -10.32 2.35
N GLY A 120 -15.32 -10.84 3.50
CA GLY A 120 -14.58 -10.66 4.74
C GLY A 120 -13.73 -11.88 5.00
N ILE A 121 -12.43 -11.68 5.20
CA ILE A 121 -11.50 -12.79 5.37
C ILE A 121 -10.93 -12.74 6.78
N SER A 122 -10.99 -13.89 7.47
CA SER A 122 -10.63 -14.00 8.88
C SER A 122 -10.36 -15.45 9.26
N THR A 123 -9.12 -15.78 9.60
CA THR A 123 -8.76 -17.17 9.85
C THR A 123 -9.40 -17.78 11.09
N SER A 124 -9.77 -16.97 12.09
CA SER A 124 -10.52 -17.45 13.27
C SER A 124 -12.05 -17.17 13.24
N GLY A 125 -12.50 -16.26 12.38
CA GLY A 125 -13.88 -15.80 12.40
C GLY A 125 -14.20 -14.82 13.52
N ASN A 126 -13.17 -14.35 14.23
CA ASN A 126 -13.33 -13.47 15.41
C ASN A 126 -12.66 -12.09 15.27
N SER A 127 -12.13 -11.78 14.09
CA SER A 127 -11.49 -10.49 13.83
C SER A 127 -12.47 -9.33 14.06
N ALA A 128 -12.18 -8.51 15.06
CA ALA A 128 -13.04 -7.39 15.45
C ALA A 128 -13.36 -6.42 14.30
N ASN A 129 -12.33 -6.03 13.53
CA ASN A 129 -12.57 -5.11 12.39
C ASN A 129 -13.35 -5.74 11.21
N VAL A 130 -13.20 -7.04 11.01
CA VAL A 130 -14.00 -7.77 10.00
C VAL A 130 -15.46 -7.95 10.45
N ILE A 131 -15.68 -8.19 11.74
CA ILE A 131 -17.05 -8.21 12.33
C ILE A 131 -17.77 -6.86 12.14
N GLU A 132 -17.13 -5.76 12.52
CA GLU A 132 -17.73 -4.43 12.34
C GLU A 132 -18.03 -4.14 10.86
N ALA A 133 -17.18 -4.63 9.95
CA ALA A 133 -17.42 -4.52 8.51
C ALA A 133 -18.67 -5.28 8.04
N VAL A 134 -18.91 -6.46 8.61
CA VAL A 134 -20.12 -7.26 8.34
C VAL A 134 -21.40 -6.50 8.73
N LYS A 135 -21.39 -5.90 9.92
CA LYS A 135 -22.50 -5.05 10.35
C LYS A 135 -22.80 -3.96 9.32
N ALA A 136 -21.77 -3.18 8.95
CA ALA A 136 -21.93 -2.09 8.01
C ALA A 136 -22.46 -2.56 6.65
N ALA A 137 -21.99 -3.72 6.19
CA ALA A 137 -22.47 -4.33 4.96
C ALA A 137 -23.95 -4.72 5.08
N HIS A 138 -24.34 -5.26 6.24
CA HIS A 138 -25.75 -5.59 6.45
C HIS A 138 -26.62 -4.33 6.46
N GLU A 139 -26.21 -3.32 7.23
CA GLU A 139 -26.91 -2.00 7.24
C GLU A 139 -27.02 -1.35 5.86
N ARG A 140 -26.06 -1.59 4.97
CA ARG A 140 -26.15 -1.12 3.57
C ARG A 140 -26.90 -2.04 2.60
N ASP A 141 -27.50 -3.12 3.09
CA ASP A 141 -28.18 -4.11 2.22
C ASP A 141 -27.25 -4.74 1.17
N MET A 142 -26.04 -5.07 1.62
CA MET A 142 -25.06 -5.81 0.84
C MET A 142 -25.03 -7.25 1.33
N HIS A 143 -24.72 -8.19 0.44
CA HIS A 143 -24.56 -9.60 0.81
C HIS A 143 -23.11 -9.84 1.21
N VAL A 144 -22.88 -10.88 2.01
CA VAL A 144 -21.55 -11.13 2.58
C VAL A 144 -21.06 -12.53 2.19
N ILE A 145 -19.77 -12.63 1.89
CA ILE A 145 -19.09 -13.91 1.71
C ILE A 145 -17.96 -13.94 2.72
N ALA A 146 -18.07 -14.81 3.71
CA ALA A 146 -17.09 -14.92 4.77
C ALA A 146 -16.13 -16.05 4.44
N LEU A 147 -14.82 -15.74 4.45
CA LEU A 147 -13.78 -16.75 4.40
C LEU A 147 -13.23 -16.88 5.81
N THR A 148 -13.59 -17.97 6.49
CA THR A 148 -13.19 -18.21 7.90
C THR A 148 -12.45 -19.53 8.08
N GLY A 149 -11.94 -19.75 9.29
CA GLY A 149 -11.31 -21.01 9.67
C GLY A 149 -11.79 -21.48 11.03
N ARG A 150 -11.31 -22.65 11.46
CA ARG A 150 -11.70 -23.26 12.75
C ARG A 150 -13.22 -23.57 12.78
N ASP A 151 -13.98 -23.01 13.73
CA ASP A 151 -15.45 -23.23 13.78
C ASP A 151 -16.25 -22.11 13.12
N GLY A 152 -15.55 -21.12 12.57
CA GLY A 152 -16.18 -19.96 11.95
C GLY A 152 -16.35 -18.75 12.85
N GLY A 153 -16.12 -18.89 14.16
CA GLY A 153 -16.14 -17.77 15.10
C GLY A 153 -17.44 -16.99 15.17
N LYS A 154 -17.35 -15.75 15.61
CA LYS A 154 -18.52 -14.88 15.69
C LYS A 154 -19.10 -14.55 14.31
N ILE A 155 -18.23 -14.48 13.30
CA ILE A 155 -18.63 -14.17 11.91
C ILE A 155 -19.62 -15.20 11.33
N ALA A 156 -19.32 -16.49 11.48
CA ALA A 156 -20.24 -17.56 11.03
C ALA A 156 -21.60 -17.46 11.71
N ALA A 157 -21.59 -17.22 13.02
CA ALA A 157 -22.83 -17.00 13.79
C ALA A 157 -23.66 -15.81 13.28
N MET A 158 -23.00 -14.81 12.72
CA MET A 158 -23.60 -13.51 12.37
C MET A 158 -24.30 -13.45 11.00
N LEU A 159 -24.13 -14.46 10.15
CA LEU A 159 -24.59 -14.37 8.74
C LEU A 159 -26.10 -14.58 8.51
N LYS A 160 -26.67 -13.79 7.60
CA LYS A 160 -28.05 -14.00 7.12
C LYS A 160 -28.13 -15.20 6.15
N ASP A 161 -29.35 -15.65 5.87
CA ASP A 161 -29.64 -16.70 4.86
C ASP A 161 -28.98 -16.43 3.50
N THR A 162 -29.02 -15.18 3.08
CA THR A 162 -28.52 -14.74 1.75
C THR A 162 -26.99 -14.58 1.66
N ASP A 163 -26.26 -14.79 2.76
CA ASP A 163 -24.80 -14.77 2.76
C ASP A 163 -24.26 -16.18 2.53
N VAL A 164 -22.94 -16.29 2.30
CA VAL A 164 -22.29 -17.58 2.03
C VAL A 164 -21.06 -17.74 2.93
N LEU A 165 -21.02 -18.83 3.69
CA LEU A 165 -19.92 -19.10 4.60
C LEU A 165 -19.02 -20.11 3.94
N LEU A 166 -17.75 -19.74 3.81
CA LEU A 166 -16.70 -20.63 3.35
C LEU A 166 -15.75 -20.87 4.53
N ASN A 167 -16.09 -21.87 5.35
CA ASN A 167 -15.26 -22.20 6.48
C ASN A 167 -14.31 -23.34 6.15
N VAL A 168 -13.02 -23.11 6.41
CA VAL A 168 -12.00 -24.12 6.31
C VAL A 168 -11.94 -24.82 7.67
N PRO A 169 -12.34 -26.11 7.74
CA PRO A 169 -12.36 -26.77 9.04
C PRO A 169 -10.97 -27.28 9.43
N HIS A 170 -10.14 -26.37 9.95
CA HIS A 170 -8.78 -26.70 10.33
C HIS A 170 -8.31 -25.79 11.46
N PRO A 171 -7.50 -26.30 12.40
CA PRO A 171 -7.03 -25.46 13.51
C PRO A 171 -5.95 -24.42 13.16
N ARG A 172 -4.98 -24.81 12.35
CA ARG A 172 -3.80 -23.99 12.06
C ARG A 172 -4.01 -22.87 11.00
N THR A 173 -3.72 -21.64 11.43
CA THR A 173 -3.77 -20.42 10.61
C THR A 173 -3.12 -20.54 9.24
N ALA A 174 -1.88 -21.03 9.20
CA ALA A 174 -1.15 -21.24 7.96
C ALA A 174 -1.92 -22.12 6.96
N ARG A 175 -2.50 -23.22 7.44
CA ARG A 175 -3.28 -24.11 6.56
C ARG A 175 -4.59 -23.43 6.08
N ILE A 176 -5.18 -22.61 6.94
CA ILE A 176 -6.41 -21.89 6.59
C ILE A 176 -6.15 -20.86 5.48
N GLN A 177 -5.10 -20.04 5.62
CA GLN A 177 -4.70 -19.08 4.57
C GLN A 177 -4.50 -19.78 3.22
N GLU A 178 -3.80 -20.92 3.23
CA GLU A 178 -3.48 -21.66 2.01
C GLU A 178 -4.73 -22.20 1.30
N ASN A 179 -5.72 -22.65 2.07
CA ASN A 179 -7.03 -23.04 1.54
C ASN A 179 -7.82 -21.80 1.04
N HIS A 180 -7.71 -20.68 1.74
CA HIS A 180 -8.38 -19.45 1.33
C HIS A 180 -7.98 -19.01 -0.08
N ILE A 181 -6.68 -19.06 -0.39
CA ILE A 181 -6.21 -18.60 -1.70
C ILE A 181 -6.63 -19.56 -2.82
N LEU A 182 -6.66 -20.87 -2.52
CA LEU A 182 -7.24 -21.85 -3.42
C LEU A 182 -8.71 -21.48 -3.70
N LEU A 183 -9.48 -21.25 -2.65
CA LEU A 183 -10.91 -20.89 -2.76
C LEU A 183 -11.10 -19.66 -3.64
N ILE A 184 -10.30 -18.62 -3.41
CA ILE A 184 -10.32 -17.40 -4.24
C ILE A 184 -10.08 -17.70 -5.71
N HIS A 185 -9.06 -18.51 -5.99
CA HIS A 185 -8.71 -18.89 -7.36
C HIS A 185 -9.83 -19.64 -8.06
N ALA A 186 -10.45 -20.57 -7.34
CA ALA A 186 -11.59 -21.33 -7.85
C ALA A 186 -12.81 -20.44 -8.14
N MET A 187 -13.03 -19.43 -7.29
CA MET A 187 -14.11 -18.44 -7.50
C MET A 187 -13.86 -17.55 -8.72
N CYS A 188 -12.65 -17.01 -8.84
CA CYS A 188 -12.26 -16.20 -10.01
C CYS A 188 -12.36 -16.94 -11.33
N ASP A 189 -11.98 -18.21 -11.34
CA ASP A 189 -12.11 -19.04 -12.54
C ASP A 189 -13.58 -19.34 -12.88
N CYS A 190 -14.43 -19.52 -11.87
CA CYS A 190 -15.87 -19.70 -12.12
C CYS A 190 -16.53 -18.46 -12.72
N ILE A 191 -16.08 -17.29 -12.30
CA ILE A 191 -16.53 -16.02 -12.84
C ILE A 191 -16.06 -15.86 -14.28
N ASP A 192 -14.77 -16.13 -14.52
CA ASP A 192 -14.20 -16.18 -15.89
C ASP A 192 -15.02 -17.04 -16.87
N SER A 193 -15.43 -18.24 -16.44
CA SER A 193 -16.15 -19.16 -17.32
C SER A 193 -17.49 -18.59 -17.82
N VAL A 194 -18.06 -17.62 -17.09
CA VAL A 194 -19.22 -16.82 -17.52
C VAL A 194 -18.78 -15.36 -17.77
N THR B 5 25.19 28.86 1.87
CA THR B 5 25.02 28.04 3.11
C THR B 5 23.68 27.32 3.10
N LEU B 6 23.61 26.27 3.92
CA LEU B 6 22.39 25.50 4.09
C LEU B 6 21.24 26.33 4.66
N GLN B 7 21.57 27.29 5.52
CA GLN B 7 20.57 28.20 6.08
C GLN B 7 19.86 28.99 4.96
N GLU B 8 20.64 29.60 4.09
CA GLU B 8 20.11 30.40 2.97
C GLU B 8 19.31 29.57 1.98
N ARG B 9 19.75 28.33 1.76
CA ARG B 9 19.03 27.38 0.90
C ARG B 9 17.63 27.08 1.43
N VAL B 10 17.52 26.73 2.72
CA VAL B 10 16.21 26.48 3.34
C VAL B 10 15.37 27.76 3.33
N ALA B 11 15.97 28.89 3.70
CA ALA B 11 15.26 30.18 3.66
C ALA B 11 14.61 30.46 2.30
N ALA B 12 15.36 30.18 1.23
CA ALA B 12 14.91 30.38 -0.14
C ALA B 12 13.76 29.45 -0.55
N HIS B 13 13.77 28.21 -0.06
CA HIS B 13 12.62 27.29 -0.27
C HIS B 13 11.32 27.82 0.29
N PHE B 14 11.37 28.33 1.53
CA PHE B 14 10.23 28.98 2.17
C PHE B 14 9.72 30.17 1.36
N ALA B 15 10.63 31.07 1.00
CA ALA B 15 10.28 32.27 0.23
C ALA B 15 9.72 31.92 -1.16
N GLU B 16 10.36 30.98 -1.84
CA GLU B 16 9.85 30.49 -3.13
C GLU B 16 8.42 29.93 -2.97
N SER B 17 8.18 29.16 -1.91
CA SER B 17 6.87 28.56 -1.63
C SER B 17 5.79 29.58 -1.26
N ILE B 18 6.18 30.63 -0.53
CA ILE B 18 5.25 31.75 -0.29
C ILE B 18 4.90 32.44 -1.62
N ARG B 19 5.90 32.76 -2.44
CA ARG B 19 5.64 33.41 -3.74
C ARG B 19 4.76 32.57 -4.64
N ALA B 20 5.02 31.26 -4.69
CA ALA B 20 4.25 30.36 -5.53
C ALA B 20 2.79 30.40 -5.14
N LYS B 21 2.54 30.42 -3.83
CA LYS B 21 1.18 30.53 -3.28
C LYS B 21 0.50 31.89 -3.48
N GLN B 22 1.26 32.97 -3.44
CA GLN B 22 0.72 34.31 -3.76
C GLN B 22 0.27 34.43 -5.22
N GLU B 23 1.07 33.89 -6.13
CA GLU B 23 0.74 33.88 -7.56
C GLU B 23 -0.40 32.92 -7.88
N ALA B 24 -0.34 31.73 -7.29
CA ALA B 24 -1.42 30.76 -7.41
C ALA B 24 -2.78 31.31 -6.94
N GLU B 25 -2.79 32.05 -5.82
CA GLU B 25 -3.98 32.71 -5.27
C GLU B 25 -4.72 33.60 -6.29
N LYS B 26 -3.97 34.29 -7.14
CA LYS B 26 -4.55 35.20 -8.15
C LYS B 26 -5.31 34.52 -9.28
N ILE B 27 -5.00 33.26 -9.62
CA ILE B 27 -5.68 32.56 -10.74
C ILE B 27 -6.44 31.25 -10.41
N LEU B 28 -6.21 30.66 -9.24
CA LEU B 28 -6.77 29.34 -8.91
C LEU B 28 -8.04 29.35 -8.07
N VAL B 29 -8.53 30.52 -7.66
CA VAL B 29 -9.68 30.57 -6.74
C VAL B 29 -10.98 30.14 -7.40
N GLU B 30 -11.25 30.64 -8.61
CA GLU B 30 -12.50 30.31 -9.30
C GLU B 30 -12.50 28.88 -9.85
N PRO B 31 -11.39 28.44 -10.48
CA PRO B 31 -11.31 27.02 -10.87
C PRO B 31 -11.44 26.01 -9.71
N THR B 32 -10.85 26.31 -8.55
CA THR B 32 -10.98 25.43 -7.38
C THR B 32 -12.44 25.29 -6.94
N VAL B 33 -13.21 26.38 -7.06
CA VAL B 33 -14.66 26.34 -6.80
C VAL B 33 -15.39 25.45 -7.83
N GLN B 34 -15.04 25.59 -9.11
CA GLN B 34 -15.63 24.75 -10.16
C GLN B 34 -15.41 23.26 -9.88
N ALA B 35 -14.17 22.90 -9.59
CA ALA B 35 -13.80 21.51 -9.27
C ALA B 35 -14.58 20.95 -8.06
N ALA B 36 -14.70 21.77 -7.01
CA ALA B 36 -15.40 21.38 -5.78
C ALA B 36 -16.88 21.25 -6.04
N GLU B 37 -17.42 22.19 -6.82
CA GLU B 37 -18.79 22.10 -7.32
C GLU B 37 -19.01 20.82 -8.14
N LEU B 38 -18.05 20.50 -9.01
CA LEU B 38 -18.13 19.30 -9.85
C LEU B 38 -18.15 18.00 -9.02
N MET B 39 -17.42 17.98 -7.90
CA MET B 39 -17.44 16.84 -6.98
C MET B 39 -18.73 16.74 -6.16
N LEU B 40 -19.29 17.87 -5.76
CA LEU B 40 -20.57 17.90 -5.04
C LEU B 40 -21.72 17.37 -5.90
N GLN B 41 -21.73 17.77 -7.18
CA GLN B 41 -22.73 17.29 -8.14
C GLN B 41 -22.65 15.78 -8.33
N CYS B 42 -21.42 15.28 -8.41
CA CYS B 42 -21.16 13.84 -8.54
C CYS B 42 -21.56 13.05 -7.29
N LEU B 43 -21.16 13.51 -6.12
CA LEU B 43 -21.41 12.81 -4.84
C LEU B 43 -22.88 12.83 -4.43
N MET B 44 -23.58 13.90 -4.77
CA MET B 44 -25.03 14.01 -4.56
C MET B 44 -25.90 13.19 -5.52
N ASN B 45 -25.33 12.72 -6.63
CA ASN B 45 -26.01 11.78 -7.53
C ASN B 45 -25.53 10.32 -7.33
N ASP B 46 -25.13 9.96 -6.10
CA ASP B 46 -24.59 8.63 -5.78
C ASP B 46 -23.40 8.19 -6.66
N GLY B 47 -22.57 9.15 -7.07
CA GLY B 47 -21.34 8.85 -7.78
C GLY B 47 -20.20 8.70 -6.79
N LYS B 48 -19.01 8.38 -7.32
CA LYS B 48 -17.77 8.35 -6.54
C LYS B 48 -16.64 9.02 -7.30
N ILE B 49 -15.56 9.30 -6.59
CA ILE B 49 -14.40 10.04 -7.11
C ILE B 49 -13.16 9.15 -7.10
N LEU B 50 -12.53 9.00 -8.26
CA LEU B 50 -11.29 8.22 -8.40
C LEU B 50 -10.09 9.16 -8.53
N ALA B 51 -9.02 8.91 -7.78
CA ALA B 51 -7.84 9.77 -7.76
C ALA B 51 -6.61 9.00 -8.20
N CYS B 52 -5.74 9.63 -8.98
CA CYS B 52 -4.49 8.99 -9.36
C CYS B 52 -3.37 9.98 -9.64
N GLY B 53 -2.14 9.46 -9.62
CA GLY B 53 -0.90 10.22 -9.85
C GLY B 53 0.34 9.42 -9.47
N ASN B 54 1.53 9.97 -9.78
CA ASN B 54 2.83 9.28 -9.56
C ASN B 54 3.76 10.01 -8.58
N GLY B 55 4.55 9.26 -7.82
CA GLY B 55 5.51 9.84 -6.87
C GLY B 55 4.82 10.53 -5.71
N GLY B 56 5.19 11.80 -5.49
CA GLY B 56 4.45 12.67 -4.57
C GLY B 56 2.98 12.82 -4.91
N SER B 57 2.64 12.80 -6.20
CA SER B 57 1.24 12.85 -6.62
C SER B 57 0.44 11.58 -6.25
N ALA B 58 1.14 10.45 -6.08
CA ALA B 58 0.52 9.22 -5.61
C ALA B 58 0.21 9.36 -4.14
N ALA B 59 1.13 10.00 -3.40
CA ALA B 59 0.88 10.33 -2.01
C ALA B 59 -0.28 11.32 -1.87
N ASP B 60 -0.36 12.30 -2.78
CA ASP B 60 -1.49 13.25 -2.81
C ASP B 60 -2.83 12.57 -3.08
N ALA B 61 -2.87 11.65 -4.03
CA ALA B 61 -4.10 10.94 -4.35
C ALA B 61 -4.69 10.21 -3.13
N GLN B 62 -3.86 9.52 -2.35
CA GLN B 62 -4.36 8.78 -1.19
C GLN B 62 -4.63 9.63 0.05
N HIS B 63 -3.89 10.74 0.17
CA HIS B 63 -4.18 11.77 1.16
C HIS B 63 -5.62 12.29 0.96
N PHE B 64 -5.93 12.66 -0.29
CA PHE B 64 -7.27 13.13 -0.69
C PHE B 64 -8.38 12.13 -0.34
N ALA B 65 -8.20 10.89 -0.82
CA ALA B 65 -9.15 9.81 -0.56
C ALA B 65 -9.43 9.53 0.91
N ALA B 66 -8.38 9.55 1.74
CA ALA B 66 -8.52 9.32 3.17
C ALA B 66 -9.32 10.40 3.87
N GLU B 67 -9.18 11.66 3.46
CA GLU B 67 -9.99 12.73 4.06
C GLU B 67 -11.47 12.69 3.63
N MET B 68 -11.76 12.07 2.50
CA MET B 68 -13.13 11.82 2.05
C MET B 68 -13.77 10.66 2.82
N THR B 69 -13.12 9.51 2.81
CA THR B 69 -13.65 8.32 3.49
C THR B 69 -13.61 8.40 5.03
N GLY B 70 -12.76 9.28 5.59
CA GLY B 70 -12.64 9.47 7.04
C GLY B 70 -13.61 10.51 7.62
N MET B 77 -20.10 12.70 7.58
CA MET B 77 -20.44 11.43 6.93
C MET B 77 -19.39 10.98 5.90
N GLU B 78 -19.35 9.66 5.64
CA GLU B 78 -18.33 9.03 4.81
C GLU B 78 -18.63 9.17 3.31
N LEU B 79 -17.70 9.76 2.56
CA LEU B 79 -17.86 10.03 1.13
C LEU B 79 -17.16 8.98 0.26
N ALA B 80 -17.67 8.78 -0.95
CA ALA B 80 -17.14 7.79 -1.87
C ALA B 80 -15.94 8.31 -2.67
N ALA B 81 -14.75 7.96 -2.20
CA ALA B 81 -13.50 8.23 -2.92
C ALA B 81 -12.60 7.01 -2.76
N VAL B 82 -11.92 6.67 -3.85
CA VAL B 82 -10.94 5.59 -3.91
C VAL B 82 -9.65 6.11 -4.58
N ALA B 83 -8.50 5.92 -3.95
CA ALA B 83 -7.23 6.15 -4.65
C ALA B 83 -6.87 4.92 -5.49
N LEU B 84 -6.49 5.16 -6.75
CA LEU B 84 -6.08 4.10 -7.68
C LEU B 84 -4.58 3.77 -7.59
N THR B 85 -3.89 4.33 -6.60
CA THR B 85 -2.45 4.20 -6.44
C THR B 85 -2.03 3.39 -5.20
N THR B 86 -2.91 2.53 -4.69
CA THR B 86 -2.67 1.85 -3.40
C THR B 86 -2.56 0.33 -3.48
N ASP B 87 -3.37 -0.30 -4.34
CA ASP B 87 -3.35 -1.75 -4.52
C ASP B 87 -2.08 -2.14 -5.27
N THR B 88 -1.09 -2.62 -4.52
CA THR B 88 0.23 -2.96 -5.10
C THR B 88 0.22 -4.25 -5.89
N SER B 89 -0.76 -5.13 -5.65
CA SER B 89 -0.95 -6.30 -6.51
C SER B 89 -1.46 -5.87 -7.89
N ALA B 90 -2.32 -4.84 -7.94
CA ALA B 90 -2.85 -4.30 -9.21
C ALA B 90 -1.81 -3.52 -9.99
N LEU B 91 -1.05 -2.65 -9.33
CA LEU B 91 -0.04 -1.82 -10.01
C LEU B 91 1.03 -2.69 -10.63
N THR B 92 1.57 -3.63 -9.85
CA THR B 92 2.64 -4.51 -10.33
C THR B 92 2.18 -5.55 -11.35
N ALA B 93 0.94 -6.04 -11.23
CA ALA B 93 0.41 -6.99 -12.22
C ALA B 93 0.19 -6.33 -13.57
N ILE B 94 -0.38 -5.13 -13.56
CA ILE B 94 -0.65 -4.39 -14.79
C ILE B 94 0.68 -3.87 -15.38
N GLY B 95 1.58 -3.41 -14.51
CA GLY B 95 2.90 -2.98 -14.96
C GLY B 95 3.68 -4.07 -15.65
N ASN B 96 3.69 -5.25 -15.05
CA ASN B 96 4.46 -6.40 -15.55
C ASN B 96 3.87 -7.01 -16.83
N ASP B 97 2.55 -7.03 -16.94
CA ASP B 97 1.87 -7.78 -18.00
C ASP B 97 1.45 -6.93 -19.20
N TYR B 98 0.77 -5.81 -18.94
CA TYR B 98 0.28 -4.90 -19.98
C TYR B 98 1.18 -3.68 -20.23
N GLY B 99 2.01 -3.30 -19.24
CA GLY B 99 2.81 -2.10 -19.32
C GLY B 99 2.37 -1.01 -18.35
N PHE B 100 3.35 -0.28 -17.83
CA PHE B 100 3.15 0.73 -16.78
C PHE B 100 2.22 1.88 -17.17
N ASP B 101 2.12 2.18 -18.46
CA ASP B 101 1.20 3.23 -18.92
C ASP B 101 -0.30 2.89 -18.73
N HIS B 102 -0.64 1.63 -18.43
CA HIS B 102 -2.04 1.19 -18.26
C HIS B 102 -2.50 0.93 -16.81
N VAL B 103 -1.62 1.20 -15.84
CA VAL B 103 -1.92 0.90 -14.43
C VAL B 103 -3.13 1.66 -13.87
N PHE B 104 -3.35 2.91 -14.29
CA PHE B 104 -4.53 3.69 -13.84
C PHE B 104 -5.75 3.48 -14.74
N SER B 105 -5.54 3.55 -16.04
CA SER B 105 -6.62 3.39 -17.00
C SER B 105 -7.42 2.09 -16.81
N LYS B 106 -6.72 0.99 -16.52
CA LYS B 106 -7.41 -0.29 -16.29
C LYS B 106 -8.29 -0.28 -15.05
N GLN B 107 -7.87 0.41 -14.00
CA GLN B 107 -8.67 0.53 -12.79
C GLN B 107 -9.87 1.47 -13.00
N VAL B 108 -9.71 2.46 -13.87
CA VAL B 108 -10.85 3.33 -14.25
C VAL B 108 -11.93 2.47 -14.94
N ARG B 109 -11.50 1.60 -15.86
CA ARG B 109 -12.42 0.68 -16.56
C ARG B 109 -13.10 -0.34 -15.62
N ALA B 110 -12.41 -0.76 -14.56
CA ALA B 110 -13.04 -1.63 -13.55
C ALA B 110 -14.09 -0.90 -12.73
N LEU B 111 -13.67 0.20 -12.10
CA LEU B 111 -14.47 0.92 -11.10
C LEU B 111 -15.35 2.05 -11.66
N GLY B 112 -14.92 2.70 -12.73
CA GLY B 112 -15.59 3.91 -13.23
C GLY B 112 -17.00 3.69 -13.74
N ARG B 113 -17.87 4.66 -13.51
CA ARG B 113 -19.23 4.64 -14.04
C ARG B 113 -19.60 6.02 -14.50
N ALA B 114 -20.58 6.10 -15.39
CA ALA B 114 -21.10 7.38 -15.88
C ALA B 114 -21.47 8.30 -14.72
N GLY B 115 -20.98 9.53 -14.79
CA GLY B 115 -21.18 10.52 -13.72
C GLY B 115 -20.09 10.61 -12.68
N ASP B 116 -19.22 9.59 -12.55
CA ASP B 116 -18.10 9.62 -11.61
C ASP B 116 -17.06 10.65 -12.05
N VAL B 117 -16.15 10.99 -11.13
CA VAL B 117 -15.10 11.98 -11.37
C VAL B 117 -13.71 11.34 -11.22
N LEU B 118 -12.83 11.59 -12.18
CA LEU B 118 -11.42 11.25 -12.08
C LEU B 118 -10.66 12.49 -11.71
N VAL B 119 -9.93 12.44 -10.60
CA VAL B 119 -8.95 13.44 -10.23
C VAL B 119 -7.57 12.90 -10.63
N GLY B 120 -6.97 13.52 -11.65
CA GLY B 120 -5.69 13.08 -12.19
C GLY B 120 -4.62 14.08 -11.83
N ILE B 121 -3.51 13.61 -11.25
CA ILE B 121 -2.49 14.50 -10.70
C ILE B 121 -1.17 14.25 -11.40
N SER B 122 -0.64 15.31 -12.01
CA SER B 122 0.59 15.25 -12.77
C SER B 122 1.29 16.61 -12.68
N THR B 123 2.47 16.68 -12.07
CA THR B 123 3.17 17.97 -11.93
C THR B 123 3.64 18.59 -13.24
N SER B 124 3.79 17.77 -14.28
CA SER B 124 4.20 18.19 -15.62
C SER B 124 3.05 18.28 -16.62
N GLY B 125 1.96 17.57 -16.35
CA GLY B 125 0.86 17.45 -17.30
C GLY B 125 1.11 16.43 -18.42
N ASN B 126 2.22 15.70 -18.33
CA ASN B 126 2.66 14.80 -19.41
C ASN B 126 2.72 13.31 -19.02
N SER B 127 2.28 12.97 -17.81
CA SER B 127 2.42 11.60 -17.28
C SER B 127 1.60 10.62 -18.12
N ALA B 128 2.29 9.70 -18.81
CA ALA B 128 1.61 8.76 -19.73
C ALA B 128 0.43 7.98 -19.10
N ASN B 129 0.63 7.49 -17.87
CA ASN B 129 -0.43 6.72 -17.21
C ASN B 129 -1.64 7.54 -16.76
N VAL B 130 -1.42 8.78 -16.33
CA VAL B 130 -2.53 9.70 -16.05
C VAL B 130 -3.25 10.15 -17.34
N ILE B 131 -2.51 10.32 -18.43
CA ILE B 131 -3.09 10.59 -19.77
C ILE B 131 -4.00 9.44 -20.23
N GLU B 132 -3.50 8.20 -20.20
CA GLU B 132 -4.36 7.05 -20.48
C GLU B 132 -5.62 7.00 -19.59
N ALA B 133 -5.45 7.31 -18.30
CA ALA B 133 -6.57 7.33 -17.35
C ALA B 133 -7.60 8.39 -17.71
N VAL B 134 -7.14 9.55 -18.20
CA VAL B 134 -8.03 10.61 -18.70
C VAL B 134 -8.84 10.08 -19.89
N LYS B 135 -8.15 9.48 -20.86
CA LYS B 135 -8.82 8.84 -22.02
C LYS B 135 -9.89 7.84 -21.59
N ALA B 136 -9.51 6.95 -20.67
CA ALA B 136 -10.44 5.97 -20.14
C ALA B 136 -11.65 6.63 -19.47
N ALA B 137 -11.41 7.66 -18.66
CA ALA B 137 -12.48 8.34 -17.94
C ALA B 137 -13.46 9.02 -18.91
N HIS B 138 -12.93 9.66 -19.96
CA HIS B 138 -13.77 10.17 -21.06
C HIS B 138 -14.57 9.06 -21.73
N GLU B 139 -13.92 7.94 -22.06
CA GLU B 139 -14.61 6.80 -22.68
C GLU B 139 -15.83 6.32 -21.88
N ARG B 140 -15.78 6.42 -20.54
CA ARG B 140 -16.91 6.00 -19.72
C ARG B 140 -17.81 7.13 -19.21
N ASP B 141 -17.87 8.25 -19.94
CA ASP B 141 -18.73 9.40 -19.56
C ASP B 141 -18.43 9.95 -18.16
N MET B 142 -17.17 9.94 -17.74
CA MET B 142 -16.75 10.55 -16.48
C MET B 142 -16.16 11.94 -16.76
N HIS B 143 -16.26 12.83 -15.77
CA HIS B 143 -15.60 14.14 -15.84
C HIS B 143 -14.23 14.09 -15.16
N VAL B 144 -13.39 15.05 -15.49
CA VAL B 144 -11.98 15.01 -15.08
C VAL B 144 -11.56 16.34 -14.43
N ILE B 145 -10.96 16.23 -13.24
CA ILE B 145 -10.32 17.35 -12.57
C ILE B 145 -8.83 17.05 -12.67
N ALA B 146 -8.14 17.80 -13.51
CA ALA B 146 -6.69 17.62 -13.71
C ALA B 146 -5.92 18.59 -12.83
N LEU B 147 -5.12 18.05 -11.90
CA LEU B 147 -4.20 18.86 -11.10
C LEU B 147 -2.85 18.81 -11.78
N THR B 148 -2.48 19.90 -12.45
CA THR B 148 -1.22 19.97 -13.21
C THR B 148 -0.30 21.10 -12.77
N GLY B 149 0.88 21.13 -13.39
CA GLY B 149 1.83 22.22 -13.22
C GLY B 149 2.45 22.62 -14.53
N ARG B 150 3.31 23.64 -14.47
CA ARG B 150 4.01 24.16 -15.66
C ARG B 150 2.99 24.81 -16.61
N ASP B 151 2.94 24.36 -17.87
CA ASP B 151 1.94 24.87 -18.84
C ASP B 151 0.70 23.97 -18.92
N GLY B 152 0.67 22.91 -18.13
CA GLY B 152 -0.45 21.97 -18.11
C GLY B 152 -0.25 20.75 -18.98
N GLY B 153 0.76 20.79 -19.86
CA GLY B 153 1.18 19.65 -20.69
C GLY B 153 0.12 19.12 -21.62
N LYS B 154 0.22 17.84 -21.95
CA LYS B 154 -0.77 17.18 -22.78
C LYS B 154 -2.11 17.06 -22.07
N ILE B 155 -2.10 16.89 -20.74
CA ILE B 155 -3.35 16.71 -20.01
C ILE B 155 -4.26 17.91 -20.22
N ALA B 156 -3.74 19.14 -20.07
CA ALA B 156 -4.53 20.36 -20.29
C ALA B 156 -5.10 20.48 -21.71
N ALA B 157 -4.32 20.08 -22.71
CA ALA B 157 -4.79 20.03 -24.11
C ALA B 157 -5.92 19.02 -24.37
N MET B 158 -5.96 17.91 -23.62
CA MET B 158 -7.03 16.89 -23.76
C MET B 158 -8.40 17.27 -23.21
N LEU B 159 -8.46 18.23 -22.27
CA LEU B 159 -9.68 18.41 -21.48
C LEU B 159 -10.88 18.95 -22.26
N LYS B 160 -12.06 18.44 -21.89
CA LYS B 160 -13.32 18.90 -22.46
C LYS B 160 -13.82 20.10 -21.65
N ASP B 161 -14.84 20.78 -22.16
CA ASP B 161 -15.37 21.99 -21.51
C ASP B 161 -16.08 21.67 -20.19
N THR B 162 -16.57 20.44 -20.07
CA THR B 162 -17.13 19.90 -18.84
C THR B 162 -16.10 19.46 -17.76
N ASP B 163 -14.81 19.49 -18.09
CA ASP B 163 -13.72 19.19 -17.15
C ASP B 163 -13.17 20.49 -16.53
N VAL B 164 -12.49 20.38 -15.39
CA VAL B 164 -11.91 21.55 -14.72
C VAL B 164 -10.40 21.37 -14.55
N LEU B 165 -9.63 22.36 -15.01
CA LEU B 165 -8.16 22.33 -14.99
C LEU B 165 -7.67 23.19 -13.84
N LEU B 166 -6.86 22.63 -12.96
CA LEU B 166 -6.20 23.39 -11.90
C LEU B 166 -4.68 23.33 -12.15
N ASN B 167 -4.21 24.21 -13.04
CA ASN B 167 -2.77 24.31 -13.32
C ASN B 167 -2.10 25.27 -12.32
N VAL B 168 -1.08 24.77 -11.63
CA VAL B 168 -0.24 25.60 -10.77
C VAL B 168 0.81 26.22 -11.69
N PRO B 169 0.79 27.56 -11.88
CA PRO B 169 1.69 28.22 -12.81
C PRO B 169 3.07 28.39 -12.19
N HIS B 170 3.87 27.33 -12.29
CA HIS B 170 5.22 27.32 -11.72
C HIS B 170 6.08 26.24 -12.40
N PRO B 171 7.40 26.46 -12.51
CA PRO B 171 8.27 25.43 -13.10
C PRO B 171 8.68 24.24 -12.18
N ARG B 172 9.06 24.53 -10.94
CA ARG B 172 9.57 23.52 -10.01
C ARG B 172 8.50 22.57 -9.40
N THR B 173 8.73 21.28 -9.60
CA THR B 173 7.91 20.18 -9.08
C THR B 173 7.52 20.32 -7.61
N ALA B 174 8.52 20.58 -6.75
CA ALA B 174 8.31 20.68 -5.30
C ALA B 174 7.24 21.71 -4.93
N ARG B 175 7.30 22.87 -5.58
CA ARG B 175 6.35 23.95 -5.36
C ARG B 175 4.96 23.60 -5.93
N ILE B 176 4.93 22.83 -7.02
CA ILE B 176 3.66 22.37 -7.61
C ILE B 176 2.97 21.37 -6.67
N GLN B 177 3.73 20.41 -6.13
CA GLN B 177 3.19 19.48 -5.14
C GLN B 177 2.63 20.21 -3.93
N GLU B 178 3.38 21.18 -3.40
CA GLU B 178 2.93 21.98 -2.26
C GLU B 178 1.58 22.67 -2.49
N ASN B 179 1.41 23.24 -3.69
CA ASN B 179 0.15 23.89 -4.08
C ASN B 179 -0.98 22.87 -4.34
N HIS B 180 -0.64 21.69 -4.85
CA HIS B 180 -1.65 20.66 -5.06
C HIS B 180 -2.32 20.24 -3.74
N ILE B 181 -1.52 20.08 -2.70
CA ILE B 181 -2.05 19.69 -1.38
C ILE B 181 -2.91 20.81 -0.77
N LEU B 182 -2.54 22.07 -0.98
CA LEU B 182 -3.40 23.20 -0.61
C LEU B 182 -4.73 23.18 -1.37
N LEU B 183 -4.71 22.92 -2.68
CA LEU B 183 -5.94 22.85 -3.48
C LEU B 183 -6.87 21.74 -3.01
N ILE B 184 -6.30 20.59 -2.66
CA ILE B 184 -7.05 19.47 -2.13
C ILE B 184 -7.73 19.81 -0.79
N HIS B 185 -6.99 20.45 0.11
CA HIS B 185 -7.57 20.90 1.39
C HIS B 185 -8.69 21.91 1.19
N ALA B 186 -8.51 22.83 0.25
CA ALA B 186 -9.54 23.82 -0.07
C ALA B 186 -10.82 23.17 -0.60
N MET B 187 -10.68 22.21 -1.52
CA MET B 187 -11.81 21.52 -2.12
C MET B 187 -12.57 20.70 -1.09
N CYS B 188 -11.86 19.95 -0.26
CA CYS B 188 -12.47 19.15 0.80
C CYS B 188 -13.31 19.96 1.78
N ASP B 189 -12.83 21.15 2.10
CA ASP B 189 -13.51 22.04 3.04
C ASP B 189 -14.79 22.66 2.43
N CYS B 190 -14.74 22.97 1.14
CA CYS B 190 -15.93 23.41 0.42
C CYS B 190 -17.01 22.32 0.40
N ILE B 191 -16.58 21.07 0.21
CA ILE B 191 -17.48 19.91 0.22
C ILE B 191 -18.10 19.71 1.61
N ASP B 192 -17.28 19.69 2.66
CA ASP B 192 -17.75 19.66 4.05
C ASP B 192 -18.78 20.77 4.34
N SER B 193 -18.46 22.00 3.93
CA SER B 193 -19.37 23.15 4.07
C SER B 193 -20.81 22.94 3.53
N VAL B 194 -20.99 22.04 2.56
CA VAL B 194 -22.32 21.60 2.09
C VAL B 194 -22.63 20.16 2.55
N THR C 5 -19.47 32.29 1.08
CA THR C 5 -19.16 32.04 -0.37
C THR C 5 -17.97 31.11 -0.52
N LEU C 6 -18.05 30.20 -1.50
CA LEU C 6 -16.97 29.25 -1.76
C LEU C 6 -15.71 29.94 -2.30
N GLN C 7 -15.88 31.02 -3.08
CA GLN C 7 -14.77 31.87 -3.52
C GLN C 7 -14.01 32.50 -2.35
N GLU C 8 -14.74 32.98 -1.34
CA GLU C 8 -14.14 33.59 -0.13
C GLU C 8 -13.50 32.52 0.76
N ARG C 9 -14.19 31.39 0.93
CA ARG C 9 -13.65 30.22 1.62
C ARG C 9 -12.30 29.77 1.06
N VAL C 10 -12.24 29.59 -0.26
CA VAL C 10 -11.02 29.17 -0.94
C VAL C 10 -9.92 30.23 -0.73
N ALA C 11 -10.26 31.49 -1.00
CA ALA C 11 -9.35 32.62 -0.80
C ALA C 11 -8.82 32.70 0.64
N ALA C 12 -9.71 32.39 1.61
CA ALA C 12 -9.32 32.35 3.01
C ALA C 12 -8.33 31.20 3.31
N HIS C 13 -8.49 30.09 2.61
CA HIS C 13 -7.50 28.99 2.67
C HIS C 13 -6.12 29.41 2.15
N PHE C 14 -6.06 30.10 1.01
CA PHE C 14 -4.79 30.62 0.46
C PHE C 14 -4.12 31.58 1.44
N ALA C 15 -4.87 32.58 1.89
CA ALA C 15 -4.36 33.60 2.83
C ALA C 15 -3.78 33.00 4.11
N GLU C 16 -4.53 32.07 4.72
CA GLU C 16 -4.08 31.39 5.93
C GLU C 16 -2.80 30.56 5.69
N SER C 17 -2.73 29.85 4.55
CA SER C 17 -1.55 29.09 4.17
C SER C 17 -0.32 29.99 3.99
N ILE C 18 -0.51 31.18 3.41
CA ILE C 18 0.57 32.20 3.35
C ILE C 18 0.94 32.73 4.75
N ARG C 19 -0.04 33.07 5.59
CA ARG C 19 0.28 33.49 6.97
C ARG C 19 1.03 32.44 7.79
N ALA C 20 0.70 31.15 7.62
CA ALA C 20 1.36 30.07 8.38
C ALA C 20 2.81 29.86 7.96
N LYS C 21 3.06 29.91 6.65
CA LYS C 21 4.43 29.80 6.13
C LYS C 21 5.29 31.00 6.53
N GLN C 22 4.74 32.21 6.43
CA GLN C 22 5.47 33.43 6.87
C GLN C 22 5.85 33.34 8.36
N GLU C 23 4.91 32.87 9.17
CA GLU C 23 5.13 32.62 10.60
C GLU C 23 6.15 31.51 10.86
N ALA C 24 6.10 30.46 10.05
CA ALA C 24 6.99 29.30 10.16
C ALA C 24 8.42 29.57 9.69
N GLU C 25 8.56 30.33 8.61
CA GLU C 25 9.88 30.67 8.01
C GLU C 25 10.89 31.27 9.00
N LYS C 26 10.41 32.10 9.94
CA LYS C 26 11.29 32.83 10.87
C LYS C 26 11.87 31.97 11.99
N ILE C 27 11.24 30.83 12.27
CA ILE C 27 11.70 29.95 13.34
C ILE C 27 12.23 28.60 12.88
N LEU C 28 11.85 28.14 11.68
CA LEU C 28 12.15 26.77 11.25
C LEU C 28 13.40 26.60 10.37
N VAL C 29 14.10 27.68 10.03
CA VAL C 29 15.29 27.58 9.18
C VAL C 29 16.42 26.80 9.85
N GLU C 30 16.82 27.19 11.06
CA GLU C 30 17.96 26.54 11.73
C GLU C 30 17.73 25.06 12.10
N PRO C 31 16.61 24.73 12.79
CA PRO C 31 16.22 23.32 13.00
C PRO C 31 16.22 22.43 11.73
N THR C 32 15.68 22.93 10.62
CA THR C 32 15.65 22.17 9.34
C THR C 32 17.05 21.80 8.82
N VAL C 33 17.98 22.74 8.98
CA VAL C 33 19.40 22.52 8.66
C VAL C 33 20.02 21.48 9.59
N GLN C 34 19.66 21.52 10.87
CA GLN C 34 20.11 20.51 11.84
C GLN C 34 19.54 19.12 11.52
N ALA C 35 18.29 19.08 11.08
CA ALA C 35 17.65 17.83 10.67
C ALA C 35 18.35 17.20 9.48
N ALA C 36 18.64 18.00 8.45
CA ALA C 36 19.35 17.52 7.26
C ALA C 36 20.81 17.12 7.53
N GLU C 37 21.45 17.82 8.45
CA GLU C 37 22.81 17.47 8.89
C GLU C 37 22.82 16.15 9.63
N LEU C 38 21.76 15.90 10.40
CA LEU C 38 21.60 14.64 11.12
C LEU C 38 21.41 13.47 10.15
N MET C 39 20.63 13.69 9.11
CA MET C 39 20.40 12.67 8.08
C MET C 39 21.65 12.38 7.25
N LEU C 40 22.39 13.41 6.87
CA LEU C 40 23.68 13.25 6.18
C LEU C 40 24.71 12.44 7.00
N GLN C 41 24.78 12.70 8.31
CA GLN C 41 25.67 11.97 9.23
C GLN C 41 25.28 10.49 9.32
N CYS C 42 23.97 10.24 9.34
CA CYS C 42 23.43 8.90 9.33
C CYS C 42 23.73 8.18 8.02
N LEU C 43 23.43 8.83 6.89
CA LEU C 43 23.62 8.22 5.56
C LEU C 43 25.08 8.00 5.18
N MET C 44 25.95 8.96 5.48
CA MET C 44 27.41 8.85 5.23
C MET C 44 28.15 7.78 6.07
N ASN C 45 27.51 7.28 7.14
CA ASN C 45 28.02 6.16 7.93
C ASN C 45 27.19 4.88 7.75
N ASP C 46 26.77 4.59 6.51
CA ASP C 46 26.02 3.38 6.16
C ASP C 46 24.68 3.18 6.91
N GLY C 47 24.12 4.25 7.47
CA GLY C 47 22.85 4.15 8.22
C GLY C 47 21.66 4.25 7.28
N LYS C 48 20.46 4.22 7.84
CA LYS C 48 19.23 4.42 7.05
C LYS C 48 18.24 5.26 7.82
N ILE C 49 17.23 5.75 7.11
CA ILE C 49 16.22 6.64 7.68
C ILE C 49 14.87 5.94 7.64
N LEU C 50 14.23 5.77 8.80
CA LEU C 50 12.87 5.24 8.89
C LEU C 50 11.90 6.41 9.10
N ALA C 51 10.72 6.33 8.49
CA ALA C 51 9.72 7.39 8.59
C ALA C 51 8.33 6.84 8.89
N CYS C 52 7.54 7.59 9.66
CA CYS C 52 6.16 7.19 9.97
C CYS C 52 5.25 8.34 10.40
N GLY C 53 3.95 8.08 10.33
CA GLY C 53 2.91 9.04 10.70
C GLY C 53 1.55 8.47 10.33
N ASN C 54 0.48 9.17 10.67
CA ASN C 54 -0.89 8.74 10.34
C ASN C 54 -1.63 9.69 9.38
N GLY C 55 -2.48 9.12 8.52
CA GLY C 55 -3.32 9.91 7.63
C GLY C 55 -2.53 10.61 6.54
N GLY C 56 -2.68 11.92 6.47
CA GLY C 56 -1.88 12.75 5.57
C GLY C 56 -0.39 12.70 5.91
N SER C 57 -0.10 12.52 7.19
CA SER C 57 1.28 12.35 7.62
C SER C 57 1.86 11.00 7.19
N ALA C 58 1.01 10.00 6.96
CA ALA C 58 1.44 8.70 6.39
C ALA C 58 1.80 8.86 4.93
N ALA C 59 0.99 9.63 4.20
CA ALA C 59 1.30 10.04 2.83
C ALA C 59 2.64 10.78 2.73
N ASP C 60 2.88 11.67 3.69
CA ASP C 60 4.14 12.44 3.76
C ASP C 60 5.34 11.55 4.09
N ALA C 61 5.13 10.45 4.79
CA ALA C 61 6.22 9.51 5.07
C ALA C 61 6.67 8.77 3.82
N GLN C 62 5.73 8.38 2.98
CA GLN C 62 6.07 7.64 1.77
C GLN C 62 6.58 8.56 0.65
N HIS C 63 6.11 9.82 0.64
CA HIS C 63 6.58 10.86 -0.28
C HIS C 63 8.07 11.08 -0.06
N PHE C 64 8.44 11.35 1.18
CA PHE C 64 9.84 11.54 1.59
C PHE C 64 10.71 10.33 1.25
N ALA C 65 10.27 9.14 1.65
CA ALA C 65 11.02 7.91 1.36
C ALA C 65 11.23 7.70 -0.12
N ALA C 66 10.24 8.06 -0.94
CA ALA C 66 10.36 7.97 -2.40
C ALA C 66 11.35 8.99 -3.01
N GLU C 67 11.50 10.15 -2.40
CA GLU C 67 12.49 11.14 -2.87
C GLU C 67 13.90 10.60 -2.69
N MET C 68 14.13 9.93 -1.56
CA MET C 68 15.43 9.35 -1.21
C MET C 68 15.80 8.12 -2.06
N THR C 69 14.88 7.15 -2.16
CA THR C 69 15.15 5.92 -2.93
C THR C 69 15.08 6.14 -4.46
N GLY C 70 14.44 7.23 -4.89
CA GLY C 70 14.41 7.63 -6.31
C GLY C 70 15.53 8.57 -6.71
N GLU C 78 21.01 6.47 -5.10
CA GLU C 78 19.89 6.04 -4.25
C GLU C 78 20.31 6.04 -2.79
N LEU C 79 19.39 6.47 -1.93
CA LEU C 79 19.65 6.64 -0.49
C LEU C 79 18.72 5.78 0.39
N ALA C 80 19.27 5.28 1.49
CA ALA C 80 18.58 4.32 2.35
C ALA C 80 17.47 4.99 3.16
N ALA C 81 16.22 4.80 2.73
CA ALA C 81 15.03 5.32 3.40
C ALA C 81 13.85 4.37 3.21
N VAL C 82 13.14 4.07 4.31
CA VAL C 82 11.99 3.17 4.33
C VAL C 82 10.82 3.80 5.09
N ALA C 83 9.67 3.95 4.44
CA ALA C 83 8.45 4.33 5.16
C ALA C 83 7.89 3.10 5.87
N LEU C 84 7.46 3.27 7.12
CA LEU C 84 6.88 2.18 7.92
C LEU C 84 5.34 2.19 7.86
N THR C 85 4.80 2.85 6.84
CA THR C 85 3.38 3.07 6.72
C THR C 85 2.82 2.38 5.48
N THR C 86 3.62 1.53 4.83
CA THR C 86 3.28 1.02 3.50
C THR C 86 2.85 -0.45 3.49
N ASP C 87 3.40 -1.27 4.41
CA ASP C 87 3.12 -2.71 4.45
C ASP C 87 1.82 -2.97 5.21
N THR C 88 0.73 -3.14 4.46
CA THR C 88 -0.59 -3.23 5.04
C THR C 88 -0.89 -4.57 5.71
N SER C 89 -0.22 -5.64 5.27
CA SER C 89 -0.28 -6.91 6.00
C SER C 89 0.30 -6.70 7.37
N ALA C 90 1.43 -6.00 7.46
CA ALA C 90 2.09 -5.74 8.74
C ALA C 90 1.25 -4.85 9.64
N LEU C 91 0.74 -3.76 9.09
CA LEU C 91 -0.10 -2.85 9.87
C LEU C 91 -1.34 -3.59 10.39
N THR C 92 -1.98 -4.40 9.55
CA THR C 92 -3.21 -5.07 9.97
C THR C 92 -2.93 -6.24 10.92
N ALA C 93 -1.86 -7.00 10.69
CA ALA C 93 -1.47 -8.08 11.63
C ALA C 93 -1.23 -7.52 13.02
N ILE C 94 -0.41 -6.48 13.10
CA ILE C 94 -0.07 -5.84 14.38
C ILE C 94 -1.29 -5.13 14.97
N GLY C 95 -1.99 -4.34 14.15
CA GLY C 95 -3.25 -3.71 14.59
C GLY C 95 -4.26 -4.68 15.21
N ASN C 96 -4.40 -5.87 14.61
CA ASN C 96 -5.35 -6.90 15.07
C ASN C 96 -4.91 -7.65 16.34
N ASP C 97 -3.65 -8.08 16.37
CA ASP C 97 -3.12 -8.97 17.43
C ASP C 97 -2.55 -8.23 18.64
N TYR C 98 -1.68 -7.25 18.38
CA TYR C 98 -1.03 -6.49 19.46
C TYR C 98 -1.70 -5.15 19.79
N GLY C 99 -2.44 -4.56 18.84
CA GLY C 99 -3.04 -3.25 19.03
C GLY C 99 -2.34 -2.16 18.23
N PHE C 100 -3.11 -1.18 17.81
CA PHE C 100 -2.67 -0.11 16.91
C PHE C 100 -1.49 0.74 17.42
N ASP C 101 -1.37 0.90 18.74
CA ASP C 101 -0.27 1.66 19.33
C ASP C 101 1.12 1.12 18.96
N HIS C 102 1.21 -0.12 18.47
CA HIS C 102 2.50 -0.81 18.25
C HIS C 102 2.92 -1.01 16.78
N VAL C 103 2.14 -0.49 15.84
CA VAL C 103 2.37 -0.78 14.41
C VAL C 103 3.70 -0.24 13.86
N PHE C 104 4.17 0.90 14.39
CA PHE C 104 5.43 1.51 13.95
C PHE C 104 6.60 1.06 14.84
N SER C 105 6.37 0.94 16.14
CA SER C 105 7.42 0.53 17.10
C SER C 105 7.99 -0.85 16.78
N LYS C 106 7.10 -1.81 16.52
CA LYS C 106 7.51 -3.17 16.11
C LYS C 106 8.35 -3.16 14.83
N GLN C 107 8.07 -2.25 13.91
CA GLN C 107 8.91 -2.10 12.72
C GLN C 107 10.23 -1.41 13.03
N VAL C 108 10.24 -0.49 13.99
CA VAL C 108 11.50 0.09 14.48
C VAL C 108 12.36 -1.02 15.09
N ARG C 109 11.76 -1.83 15.96
CA ARG C 109 12.45 -2.98 16.57
C ARG C 109 12.90 -4.02 15.54
N ALA C 110 12.14 -4.19 14.46
CA ALA C 110 12.55 -5.11 13.36
C ALA C 110 13.72 -4.57 12.57
N LEU C 111 13.62 -3.34 12.07
CA LEU C 111 14.60 -2.81 11.10
C LEU C 111 15.68 -1.93 11.68
N GLY C 112 15.39 -1.25 12.78
CA GLY C 112 16.28 -0.22 13.31
C GLY C 112 17.58 -0.72 13.89
N ARG C 113 18.67 0.01 13.63
CA ARG C 113 19.97 -0.30 14.20
C ARG C 113 20.61 0.98 14.68
N ALA C 114 21.59 0.86 15.59
CA ALA C 114 22.25 2.03 16.20
C ALA C 114 22.84 3.00 15.17
N GLY C 115 22.49 4.28 15.26
CA GLY C 115 22.94 5.29 14.28
C GLY C 115 21.97 5.63 13.16
N ASP C 116 20.89 4.86 13.03
CA ASP C 116 19.81 5.20 12.09
C ASP C 116 19.02 6.37 12.64
N VAL C 117 18.20 6.97 11.78
CA VAL C 117 17.30 8.06 12.16
C VAL C 117 15.82 7.68 11.98
N LEU C 118 14.98 8.04 12.96
CA LEU C 118 13.52 7.93 12.83
C LEU C 118 13.00 9.31 12.52
N VAL C 119 12.19 9.43 11.48
CA VAL C 119 11.38 10.62 11.24
C VAL C 119 9.96 10.29 11.64
N GLY C 120 9.53 10.80 12.79
CA GLY C 120 8.14 10.68 13.24
C GLY C 120 7.34 11.91 12.90
N ILE C 121 6.15 11.72 12.32
CA ILE C 121 5.31 12.85 11.87
C ILE C 121 3.96 12.76 12.58
N SER C 122 3.58 13.85 13.26
CA SER C 122 2.30 13.92 13.98
C SER C 122 1.88 15.38 14.14
N THR C 123 0.75 15.76 13.55
CA THR C 123 0.31 17.16 13.52
C THR C 123 -0.01 17.77 14.90
N SER C 124 -0.52 16.92 15.82
CA SER C 124 -0.78 17.31 17.21
C SER C 124 0.42 17.05 18.12
N GLY C 125 1.26 16.11 17.74
CA GLY C 125 2.41 15.70 18.54
C GLY C 125 2.03 14.67 19.60
N ASN C 126 0.81 14.12 19.50
CA ASN C 126 0.25 13.20 20.50
C ASN C 126 -0.14 11.81 19.96
N SER C 127 0.21 11.53 18.70
CA SER C 127 -0.12 10.24 18.07
C SER C 127 0.51 9.09 18.85
N ALA C 128 -0.32 8.25 19.45
CA ALA C 128 0.14 7.21 20.35
C ALA C 128 1.18 6.27 19.69
N ASN C 129 0.89 5.85 18.45
CA ASN C 129 1.80 4.96 17.71
C ASN C 129 3.14 5.60 17.30
N VAL C 130 3.13 6.91 17.07
CA VAL C 130 4.38 7.68 16.83
C VAL C 130 5.16 7.82 18.14
N ILE C 131 4.45 8.01 19.26
CA ILE C 131 5.05 8.04 20.61
C ILE C 131 5.81 6.73 20.91
N GLU C 132 5.16 5.59 20.68
CA GLU C 132 5.83 4.28 20.83
C GLU C 132 7.03 4.12 19.92
N ALA C 133 6.93 4.58 18.68
CA ALA C 133 8.03 4.46 17.73
C ALA C 133 9.27 5.23 18.19
N VAL C 134 9.05 6.44 18.73
CA VAL C 134 10.13 7.26 19.31
C VAL C 134 10.79 6.56 20.49
N LYS C 135 9.98 6.01 21.40
CA LYS C 135 10.50 5.18 22.51
C LYS C 135 11.37 4.05 22.00
N ALA C 136 10.86 3.32 21.00
CA ALA C 136 11.59 2.20 20.41
C ALA C 136 12.88 2.62 19.72
N ALA C 137 12.88 3.80 19.09
CA ALA C 137 14.07 4.36 18.46
C ALA C 137 15.16 4.65 19.51
N HIS C 138 14.77 5.26 20.63
CA HIS C 138 15.69 5.53 21.75
C HIS C 138 16.33 4.27 22.34
N GLU C 139 15.55 3.21 22.60
CA GLU C 139 16.12 1.90 23.01
C GLU C 139 17.14 1.34 22.00
N ARG C 140 16.96 1.65 20.72
CA ARG C 140 17.90 1.26 19.68
C ARG C 140 19.08 2.19 19.45
N ASP C 141 19.20 3.28 20.21
CA ASP C 141 20.27 4.27 20.00
C ASP C 141 20.18 4.90 18.61
N MET C 142 18.95 5.20 18.18
CA MET C 142 18.69 5.94 16.96
C MET C 142 18.37 7.38 17.32
N HIS C 143 18.70 8.32 16.43
CA HIS C 143 18.27 9.72 16.59
C HIS C 143 16.85 9.90 15.99
N VAL C 144 16.13 10.91 16.50
CA VAL C 144 14.74 11.16 16.13
C VAL C 144 14.58 12.59 15.58
N ILE C 145 13.81 12.72 14.51
CA ILE C 145 13.43 14.01 13.94
C ILE C 145 11.92 13.99 13.97
N ALA C 146 11.32 14.89 14.76
CA ALA C 146 9.89 14.93 14.94
C ALA C 146 9.31 16.12 14.19
N LEU C 147 8.43 15.82 13.24
CA LEU C 147 7.66 16.84 12.56
C LEU C 147 6.35 16.94 13.29
N THR C 148 6.15 18.03 14.02
CA THR C 148 4.95 18.20 14.84
C THR C 148 4.28 19.53 14.52
N GLY C 149 3.12 19.76 15.12
CA GLY C 149 2.42 21.03 15.03
C GLY C 149 1.85 21.42 16.38
N ARG C 150 1.13 22.54 16.41
CA ARG C 150 0.58 23.14 17.64
C ARG C 150 1.72 23.47 18.64
N ASP C 151 1.79 22.77 19.78
CA ASP C 151 2.86 23.02 20.77
C ASP C 151 3.89 21.89 20.79
N GLY C 152 3.74 20.91 19.91
CA GLY C 152 4.62 19.76 19.87
C GLY C 152 4.14 18.56 20.66
N GLY C 153 3.22 18.77 21.60
CA GLY C 153 2.54 17.71 22.31
C GLY C 153 3.48 16.87 23.13
N LYS C 154 3.06 15.64 23.42
CA LYS C 154 3.87 14.72 24.20
C LYS C 154 5.18 14.36 23.51
N ILE C 155 5.15 14.27 22.18
CA ILE C 155 6.35 13.94 21.39
C ILE C 155 7.47 14.97 21.60
N ALA C 156 7.16 16.26 21.61
CA ALA C 156 8.19 17.29 21.85
C ALA C 156 8.83 17.17 23.24
N ALA C 157 8.00 16.87 24.24
CA ALA C 157 8.46 16.74 25.63
C ALA C 157 9.38 15.54 25.83
N MET C 158 9.16 14.45 25.10
CA MET C 158 9.96 13.23 25.24
C MET C 158 11.27 13.19 24.43
N LEU C 159 11.57 14.23 23.64
CA LEU C 159 12.83 14.25 22.87
C LEU C 159 14.07 14.56 23.71
N LYS C 160 15.21 14.11 23.21
CA LYS C 160 16.52 14.39 23.82
C LYS C 160 17.21 15.55 23.11
N ASP C 161 18.33 16.02 23.67
CA ASP C 161 19.12 17.12 23.10
C ASP C 161 19.75 16.74 21.76
N THR C 162 19.99 15.43 21.57
CA THR C 162 20.51 14.86 20.31
C THR C 162 19.45 14.71 19.19
N ASP C 163 18.17 14.84 19.55
CA ASP C 163 17.08 14.84 18.57
C ASP C 163 16.84 16.26 18.06
N VAL C 164 16.05 16.40 16.99
CA VAL C 164 15.74 17.70 16.38
C VAL C 164 14.21 17.82 16.24
N LEU C 165 13.65 18.92 16.73
CA LEU C 165 12.19 19.15 16.71
C LEU C 165 11.86 20.10 15.57
N LEU C 166 10.88 19.74 14.75
CA LEU C 166 10.40 20.62 13.70
C LEU C 166 8.93 20.88 13.98
N ASN C 167 8.67 21.89 14.82
CA ASN C 167 7.31 22.22 15.20
C ASN C 167 6.77 23.39 14.39
N VAL C 168 5.69 23.13 13.67
CA VAL C 168 4.96 24.17 12.96
C VAL C 168 3.99 24.78 13.97
N PRO C 169 4.12 26.09 14.27
CA PRO C 169 3.21 26.69 15.23
C PRO C 169 2.01 27.26 14.48
N HIS C 170 1.03 26.40 14.27
CA HIS C 170 -0.28 26.83 13.79
C HIS C 170 -1.24 25.76 14.30
N PRO C 171 -2.44 26.15 14.74
CA PRO C 171 -3.33 25.14 15.34
C PRO C 171 -4.00 24.17 14.33
N ARG C 172 -4.16 24.61 13.09
CA ARG C 172 -4.92 23.86 12.08
C ARG C 172 -4.08 22.78 11.38
N THR C 173 -4.66 21.59 11.32
CA THR C 173 -4.02 20.38 10.82
C THR C 173 -3.61 20.48 9.35
N ALA C 174 -4.50 21.01 8.53
CA ALA C 174 -4.25 21.24 7.11
C ALA C 174 -3.00 22.12 6.88
N ARG C 175 -2.89 23.18 7.66
CA ARG C 175 -1.78 24.13 7.57
C ARG C 175 -0.47 23.51 8.04
N ILE C 176 -0.57 22.64 9.05
CA ILE C 176 0.58 21.92 9.59
C ILE C 176 1.13 20.95 8.53
N GLN C 177 0.24 20.22 7.85
CA GLN C 177 0.65 19.26 6.81
C GLN C 177 1.38 19.94 5.69
N GLU C 178 0.83 21.05 5.23
CA GLU C 178 1.43 21.84 4.15
C GLU C 178 2.85 22.29 4.48
N ASN C 179 3.07 22.73 5.71
CA ASN C 179 4.42 23.08 6.13
C ASN C 179 5.35 21.86 6.21
N HIS C 180 4.81 20.69 6.58
CA HIS C 180 5.63 19.48 6.69
C HIS C 180 6.20 19.07 5.34
N ILE C 181 5.36 19.01 4.30
CA ILE C 181 5.85 18.68 2.94
C ILE C 181 6.90 19.66 2.47
N LEU C 182 6.75 20.95 2.79
CA LEU C 182 7.77 21.95 2.48
C LEU C 182 9.09 21.70 3.24
N LEU C 183 8.97 21.39 4.54
CA LEU C 183 10.14 21.01 5.35
C LEU C 183 10.85 19.81 4.75
N ILE C 184 10.06 18.83 4.30
CA ILE C 184 10.59 17.62 3.65
C ILE C 184 11.31 17.91 2.35
N HIS C 185 10.77 18.80 1.52
CA HIS C 185 11.45 19.19 0.27
C HIS C 185 12.72 19.99 0.51
N ALA C 186 12.74 20.79 1.58
CA ALA C 186 13.92 21.55 1.95
C ALA C 186 15.04 20.63 2.44
N MET C 187 14.68 19.65 3.26
CA MET C 187 15.65 18.66 3.76
C MET C 187 16.25 17.85 2.62
N CYS C 188 15.40 17.39 1.69
CA CYS C 188 15.87 16.60 0.54
C CYS C 188 16.85 17.39 -0.32
N ASP C 189 16.49 18.64 -0.65
CA ASP C 189 17.36 19.52 -1.41
C ASP C 189 18.66 19.88 -0.68
N CYS C 190 18.60 20.06 0.63
CA CYS C 190 19.82 20.24 1.42
C CYS C 190 20.73 19.03 1.30
N ILE C 191 20.17 17.83 1.46
CA ILE C 191 20.94 16.58 1.43
C ILE C 191 21.69 16.37 0.10
N ASP C 192 21.03 16.53 -1.05
CA ASP C 192 21.76 16.53 -2.34
C ASP C 192 22.08 17.95 -2.82
N THR D 5 -19.81 -27.41 -15.89
CA THR D 5 -20.48 -27.24 -14.57
C THR D 5 -19.55 -26.56 -13.56
N LEU D 6 -20.11 -25.61 -12.79
CA LEU D 6 -19.35 -24.88 -11.78
C LEU D 6 -18.84 -25.78 -10.66
N GLN D 7 -19.66 -26.74 -10.23
CA GLN D 7 -19.27 -27.77 -9.24
C GLN D 7 -18.06 -28.58 -9.70
N GLU D 8 -18.07 -28.97 -10.97
CA GLU D 8 -16.99 -29.78 -11.56
C GLU D 8 -15.68 -29.00 -11.66
N ARG D 9 -15.79 -27.74 -12.09
CA ARG D 9 -14.66 -26.81 -12.18
C ARG D 9 -14.00 -26.62 -10.82
N VAL D 10 -14.81 -26.35 -9.80
CA VAL D 10 -14.29 -26.19 -8.43
C VAL D 10 -13.65 -27.50 -7.98
N ALA D 11 -14.34 -28.61 -8.21
CA ALA D 11 -13.81 -29.93 -7.86
C ALA D 11 -12.45 -30.15 -8.52
N ALA D 12 -12.37 -29.85 -9.82
CA ALA D 12 -11.12 -29.93 -10.58
C ALA D 12 -9.99 -29.05 -10.02
N HIS D 13 -10.35 -27.86 -9.55
CA HIS D 13 -9.42 -26.95 -8.84
C HIS D 13 -8.84 -27.55 -7.56
N PHE D 14 -9.68 -28.17 -6.73
CA PHE D 14 -9.20 -28.88 -5.52
C PHE D 14 -8.31 -30.08 -5.88
N ALA D 15 -8.76 -30.88 -6.85
CA ALA D 15 -7.99 -32.04 -7.29
C ALA D 15 -6.63 -31.64 -7.90
N GLU D 16 -6.62 -30.63 -8.77
CA GLU D 16 -5.35 -30.16 -9.37
C GLU D 16 -4.38 -29.57 -8.34
N SER D 17 -4.91 -28.85 -7.34
CA SER D 17 -4.10 -28.29 -6.26
C SER D 17 -3.46 -29.39 -5.39
N ILE D 18 -4.22 -30.44 -5.07
CA ILE D 18 -3.65 -31.61 -4.35
C ILE D 18 -2.59 -32.35 -5.18
N ARG D 19 -2.86 -32.55 -6.47
CA ARG D 19 -1.87 -33.13 -7.38
C ARG D 19 -0.56 -32.31 -7.49
N ALA D 20 -0.70 -30.99 -7.59
CA ALA D 20 0.48 -30.10 -7.69
C ALA D 20 1.35 -30.13 -6.43
N LYS D 21 0.71 -30.17 -5.26
CA LYS D 21 1.46 -30.26 -3.99
C LYS D 21 2.14 -31.62 -3.80
N GLN D 22 1.47 -32.70 -4.19
CA GLN D 22 2.08 -34.07 -4.20
C GLN D 22 3.33 -34.16 -5.12
N GLU D 23 3.23 -33.53 -6.27
CA GLU D 23 4.35 -33.38 -7.20
C GLU D 23 5.47 -32.53 -6.56
N ALA D 24 5.09 -31.42 -5.91
CA ALA D 24 6.06 -30.48 -5.32
C ALA D 24 6.74 -31.01 -4.05
N GLU D 25 5.96 -31.72 -3.22
CA GLU D 25 6.42 -32.40 -1.98
C GLU D 25 7.69 -33.26 -2.12
N LYS D 26 7.91 -33.82 -3.30
CA LYS D 26 8.95 -34.82 -3.55
C LYS D 26 10.26 -34.26 -4.10
N ILE D 27 10.31 -32.96 -4.41
CA ILE D 27 11.56 -32.30 -4.82
C ILE D 27 11.96 -31.07 -3.99
N LEU D 28 11.00 -30.35 -3.43
CA LEU D 28 11.27 -29.07 -2.77
C LEU D 28 11.67 -29.14 -1.30
N VAL D 29 11.67 -30.33 -0.69
CA VAL D 29 12.01 -30.44 0.74
C VAL D 29 13.46 -29.97 0.98
N GLU D 30 14.44 -30.54 0.28
CA GLU D 30 15.87 -30.17 0.49
C GLU D 30 16.20 -28.68 0.17
N PRO D 31 15.78 -28.16 -1.02
CA PRO D 31 15.93 -26.73 -1.32
C PRO D 31 15.30 -25.78 -0.30
N THR D 32 14.05 -26.05 0.11
CA THR D 32 13.36 -25.25 1.14
C THR D 32 14.19 -25.14 2.43
N VAL D 33 14.79 -26.27 2.83
CA VAL D 33 15.66 -26.34 4.01
C VAL D 33 16.91 -25.48 3.81
N GLN D 34 17.52 -25.55 2.63
CA GLN D 34 18.68 -24.70 2.34
C GLN D 34 18.35 -23.19 2.29
N ALA D 35 17.12 -22.85 1.87
CA ALA D 35 16.65 -21.47 1.87
C ALA D 35 16.46 -20.93 3.29
N ALA D 36 15.87 -21.74 4.16
CA ALA D 36 15.71 -21.39 5.57
C ALA D 36 17.06 -21.20 6.26
N GLU D 37 18.02 -22.06 5.92
CA GLU D 37 19.35 -21.99 6.52
C GLU D 37 20.10 -20.75 6.05
N LEU D 38 19.91 -20.37 4.80
CA LEU D 38 20.50 -19.16 4.26
C LEU D 38 19.95 -17.92 4.99
N MET D 39 18.64 -17.89 5.20
CA MET D 39 17.98 -16.78 5.88
C MET D 39 18.43 -16.66 7.32
N LEU D 40 18.51 -17.79 8.03
CA LEU D 40 19.01 -17.81 9.41
C LEU D 40 20.45 -17.26 9.52
N GLN D 41 21.29 -17.62 8.55
CA GLN D 41 22.68 -17.14 8.52
C GLN D 41 22.76 -15.63 8.29
N CYS D 42 21.88 -15.13 7.42
CA CYS D 42 21.73 -13.69 7.17
C CYS D 42 21.29 -12.96 8.42
N LEU D 43 20.23 -13.45 9.05
CA LEU D 43 19.66 -12.79 10.22
C LEU D 43 20.63 -12.79 11.38
N MET D 44 21.17 -13.97 11.71
CA MET D 44 22.13 -14.11 12.84
C MET D 44 23.40 -13.24 12.73
N ASN D 45 23.79 -12.87 11.50
CA ASN D 45 24.85 -11.88 11.25
C ASN D 45 24.29 -10.46 11.01
N ASP D 46 23.23 -10.10 11.74
CA ASP D 46 22.60 -8.76 11.67
C ASP D 46 22.19 -8.28 10.28
N GLY D 47 21.92 -9.21 9.38
CA GLY D 47 21.47 -8.86 8.04
C GLY D 47 19.95 -8.74 8.02
N LYS D 48 19.43 -8.36 6.86
CA LYS D 48 17.98 -8.27 6.64
C LYS D 48 17.62 -8.97 5.33
N ILE D 49 16.32 -9.22 5.18
CA ILE D 49 15.80 -9.94 4.04
C ILE D 49 14.87 -9.02 3.26
N LEU D 50 15.11 -8.88 1.96
CA LEU D 50 14.26 -8.10 1.05
C LEU D 50 13.43 -9.05 0.17
N ALA D 51 12.18 -8.70 -0.10
CA ALA D 51 11.26 -9.53 -0.90
C ALA D 51 10.58 -8.73 -1.98
N CYS D 52 10.37 -9.35 -3.14
CA CYS D 52 9.62 -8.69 -4.22
C CYS D 52 9.01 -9.67 -5.22
N GLY D 53 8.06 -9.14 -6.00
CA GLY D 53 7.29 -9.90 -6.96
C GLY D 53 6.10 -9.11 -7.48
N ASN D 54 5.50 -9.56 -8.59
CA ASN D 54 4.32 -8.91 -9.19
C ASN D 54 3.03 -9.70 -8.99
N GLY D 55 1.91 -8.97 -9.04
CA GLY D 55 0.57 -9.55 -8.91
C GLY D 55 0.40 -10.22 -7.56
N GLY D 56 -0.10 -11.45 -7.61
CA GLY D 56 -0.19 -12.30 -6.43
C GLY D 56 1.13 -12.51 -5.71
N SER D 57 2.25 -12.46 -6.45
CA SER D 57 3.56 -12.61 -5.84
C SER D 57 3.97 -11.36 -5.04
N ALA D 58 3.39 -10.21 -5.35
CA ALA D 58 3.57 -9.01 -4.50
C ALA D 58 2.81 -9.21 -3.18
N ALA D 59 1.60 -9.78 -3.26
CA ALA D 59 0.87 -10.17 -2.06
C ALA D 59 1.69 -11.12 -1.20
N ASP D 60 2.32 -12.11 -1.83
CA ASP D 60 3.17 -13.09 -1.12
C ASP D 60 4.41 -12.47 -0.50
N ALA D 61 5.02 -11.49 -1.16
CA ALA D 61 6.17 -10.78 -0.60
C ALA D 61 5.81 -9.97 0.65
N GLN D 62 4.62 -9.38 0.61
CA GLN D 62 4.04 -8.62 1.72
C GLN D 62 3.67 -9.55 2.89
N HIS D 63 3.02 -10.67 2.56
CA HIS D 63 2.69 -11.74 3.50
C HIS D 63 3.94 -12.23 4.23
N PHE D 64 4.97 -12.60 3.47
CA PHE D 64 6.24 -13.07 4.03
C PHE D 64 6.83 -12.08 5.04
N ALA D 65 7.02 -10.84 4.59
CA ALA D 65 7.60 -9.77 5.42
C ALA D 65 6.86 -9.53 6.73
N ALA D 66 5.53 -9.60 6.67
CA ALA D 66 4.68 -9.33 7.85
C ALA D 66 4.80 -10.41 8.93
N GLU D 67 5.02 -11.65 8.51
CA GLU D 67 5.23 -12.73 9.47
C GLU D 67 6.62 -12.71 10.11
N MET D 68 7.59 -12.07 9.45
CA MET D 68 8.91 -11.82 10.04
C MET D 68 8.90 -10.65 11.03
N THR D 69 8.22 -9.55 10.67
CA THR D 69 8.20 -8.35 11.52
C THR D 69 7.28 -8.44 12.74
N GLY D 70 6.26 -9.30 12.68
CA GLY D 70 5.34 -9.55 13.81
C GLY D 70 5.03 -11.02 14.01
N GLU D 78 11.07 -10.09 16.76
CA GLU D 78 10.95 -9.35 15.49
C GLU D 78 12.17 -9.53 14.61
N LEU D 79 11.95 -9.75 13.31
CA LEU D 79 13.03 -10.08 12.36
C LEU D 79 13.11 -9.09 11.20
N ALA D 80 14.33 -8.78 10.77
CA ALA D 80 14.54 -7.80 9.69
C ALA D 80 14.09 -8.35 8.35
N ALA D 81 12.93 -7.88 7.91
CA ALA D 81 12.40 -8.19 6.58
C ALA D 81 11.59 -7.00 6.03
N VAL D 82 11.81 -6.67 4.75
CA VAL D 82 11.13 -5.57 4.08
C VAL D 82 10.66 -6.08 2.72
N ALA D 83 9.38 -5.89 2.39
CA ALA D 83 8.91 -6.09 1.04
C ALA D 83 9.18 -4.82 0.23
N LEU D 84 9.56 -4.99 -1.03
CA LEU D 84 9.90 -3.88 -1.92
C LEU D 84 8.71 -3.58 -2.83
N THR D 85 7.54 -4.09 -2.46
CA THR D 85 6.38 -4.02 -3.31
C THR D 85 5.34 -3.06 -2.76
N THR D 86 5.62 -2.41 -1.63
CA THR D 86 4.59 -1.77 -0.82
C THR D 86 4.51 -0.24 -0.96
N ASP D 87 5.64 0.44 -1.19
CA ASP D 87 5.69 1.91 -1.31
C ASP D 87 5.26 2.31 -2.72
N THR D 88 4.01 2.72 -2.83
CA THR D 88 3.40 3.01 -4.10
C THR D 88 3.88 4.34 -4.70
N SER D 89 4.31 5.27 -3.85
CA SER D 89 5.00 6.48 -4.30
C SER D 89 6.29 6.11 -5.01
N ALA D 90 7.09 5.23 -4.40
CA ALA D 90 8.35 4.77 -5.01
C ALA D 90 8.14 3.96 -6.30
N LEU D 91 7.20 3.02 -6.29
CA LEU D 91 6.86 2.25 -7.48
C LEU D 91 6.37 3.14 -8.62
N THR D 92 5.50 4.10 -8.32
CA THR D 92 4.95 4.96 -9.36
C THR D 92 5.95 6.01 -9.89
N ALA D 93 6.83 6.54 -9.04
CA ALA D 93 7.88 7.47 -9.49
C ALA D 93 8.83 6.76 -10.42
N ILE D 94 9.36 5.64 -9.96
CA ILE D 94 10.36 4.88 -10.70
C ILE D 94 9.78 4.30 -11.99
N GLY D 95 8.57 3.76 -11.94
CA GLY D 95 7.89 3.29 -13.15
C GLY D 95 7.79 4.37 -14.21
N ASN D 96 7.37 5.55 -13.78
CA ASN D 96 7.14 6.73 -14.64
C ASN D 96 8.43 7.37 -15.17
N ASP D 97 9.40 7.60 -14.28
CA ASP D 97 10.60 8.39 -14.58
C ASP D 97 11.71 7.55 -15.21
N TYR D 98 11.92 6.34 -14.67
CA TYR D 98 12.99 5.43 -15.11
C TYR D 98 12.52 4.21 -15.90
N GLY D 99 11.26 3.80 -15.75
CA GLY D 99 10.74 2.58 -16.39
C GLY D 99 10.49 1.46 -15.37
N PHE D 100 9.42 0.69 -15.60
CA PHE D 100 8.96 -0.33 -14.68
C PHE D 100 9.97 -1.47 -14.37
N ASP D 101 10.92 -1.73 -15.27
CA ASP D 101 11.94 -2.76 -15.04
C ASP D 101 12.87 -2.48 -13.86
N HIS D 102 12.88 -1.23 -13.36
CA HIS D 102 13.86 -0.79 -12.36
C HIS D 102 13.28 -0.58 -10.95
N VAL D 103 11.96 -0.79 -10.79
CA VAL D 103 11.25 -0.50 -9.53
C VAL D 103 11.74 -1.29 -8.32
N PHE D 104 12.18 -2.52 -8.52
CA PHE D 104 12.70 -3.34 -7.43
C PHE D 104 14.21 -3.18 -7.28
N SER D 105 14.93 -3.16 -8.40
CA SER D 105 16.39 -3.05 -8.41
C SER D 105 16.91 -1.76 -7.78
N LYS D 106 16.26 -0.64 -8.10
CA LYS D 106 16.60 0.65 -7.47
C LYS D 106 16.47 0.61 -5.96
N GLN D 107 15.46 -0.10 -5.47
CA GLN D 107 15.28 -0.27 -4.03
C GLN D 107 16.32 -1.21 -3.43
N VAL D 108 16.76 -2.22 -4.18
CA VAL D 108 17.86 -3.09 -3.73
C VAL D 108 19.13 -2.26 -3.58
N ARG D 109 19.47 -1.51 -4.63
CA ARG D 109 20.55 -0.53 -4.58
C ARG D 109 20.46 0.43 -3.37
N ALA D 110 19.25 0.91 -3.04
CA ALA D 110 19.06 1.78 -1.88
C ALA D 110 19.27 1.12 -0.53
N LEU D 111 18.68 -0.07 -0.34
CA LEU D 111 18.64 -0.75 0.96
C LEU D 111 19.63 -1.90 1.16
N GLY D 112 19.92 -2.64 0.11
CA GLY D 112 20.74 -3.85 0.22
C GLY D 112 22.16 -3.62 0.70
N ARG D 113 22.64 -4.53 1.54
CA ARG D 113 24.02 -4.51 2.05
C ARG D 113 24.60 -5.91 1.92
N ALA D 114 25.91 -6.00 1.69
CA ALA D 114 26.62 -7.29 1.56
C ALA D 114 26.18 -8.27 2.63
N GLY D 115 25.82 -9.48 2.23
CA GLY D 115 25.35 -10.51 3.19
C GLY D 115 23.84 -10.63 3.39
N ASP D 116 23.07 -9.62 2.99
CA ASP D 116 21.59 -9.67 3.00
C ASP D 116 21.05 -10.66 1.96
N VAL D 117 19.76 -10.98 2.05
CA VAL D 117 19.09 -11.93 1.15
C VAL D 117 17.95 -11.29 0.38
N LEU D 118 17.94 -11.44 -0.95
CA LEU D 118 16.79 -11.06 -1.76
C LEU D 118 15.94 -12.29 -1.98
N VAL D 119 14.64 -12.18 -1.67
CA VAL D 119 13.64 -13.17 -2.11
C VAL D 119 12.92 -12.59 -3.33
N GLY D 120 13.15 -13.18 -4.51
CA GLY D 120 12.52 -12.75 -5.75
C GLY D 120 11.46 -13.78 -6.08
N ILE D 121 10.22 -13.33 -6.29
CA ILE D 121 9.09 -14.24 -6.53
C ILE D 121 8.49 -13.97 -7.90
N SER D 122 8.44 -15.02 -8.73
CA SER D 122 8.04 -14.90 -10.12
C SER D 122 7.46 -16.23 -10.56
N THR D 123 6.21 -16.27 -11.03
CA THR D 123 5.59 -17.55 -11.40
C THR D 123 6.19 -18.24 -12.66
N SER D 124 6.65 -17.44 -13.63
CA SER D 124 7.28 -17.92 -14.88
C SER D 124 8.81 -17.93 -14.84
N GLY D 125 9.40 -17.12 -13.97
CA GLY D 125 10.85 -16.96 -13.89
C GLY D 125 11.38 -15.91 -14.83
N ASN D 126 10.48 -15.21 -15.51
CA ASN D 126 10.81 -14.28 -16.60
C ASN D 126 10.38 -12.82 -16.34
N SER D 127 10.03 -12.50 -15.10
CA SER D 127 9.64 -11.13 -14.73
C SER D 127 10.84 -10.20 -14.81
N ALA D 128 10.74 -9.18 -15.66
CA ALA D 128 11.90 -8.33 -15.97
C ALA D 128 12.43 -7.56 -14.76
N ASN D 129 11.50 -6.99 -13.97
CA ASN D 129 11.86 -6.26 -12.74
C ASN D 129 12.47 -7.13 -11.64
N VAL D 130 12.08 -8.41 -11.60
CA VAL D 130 12.70 -9.37 -10.66
C VAL D 130 14.11 -9.75 -11.14
N ILE D 131 14.28 -9.93 -12.46
CA ILE D 131 15.60 -10.15 -13.09
C ILE D 131 16.58 -9.00 -12.75
N GLU D 132 16.11 -7.76 -12.86
CA GLU D 132 16.94 -6.61 -12.48
C GLU D 132 17.25 -6.61 -10.99
N ALA D 133 16.29 -7.03 -10.16
CA ALA D 133 16.50 -7.15 -8.72
C ALA D 133 17.59 -8.16 -8.39
N VAL D 134 17.53 -9.31 -9.05
CA VAL D 134 18.55 -10.36 -8.91
C VAL D 134 19.94 -9.83 -9.30
N LYS D 135 20.03 -9.13 -10.42
CA LYS D 135 21.29 -8.56 -10.91
C LYS D 135 21.89 -7.55 -9.93
N ALA D 136 21.07 -6.62 -9.45
CA ALA D 136 21.48 -5.64 -8.44
C ALA D 136 21.89 -6.29 -7.12
N ALA D 137 21.22 -7.38 -6.75
CA ALA D 137 21.59 -8.13 -5.55
C ALA D 137 23.00 -8.76 -5.65
N HIS D 138 23.30 -9.41 -6.78
CA HIS D 138 24.65 -9.96 -7.01
C HIS D 138 25.77 -8.90 -7.01
N GLU D 139 25.53 -7.76 -7.66
CA GLU D 139 26.49 -6.64 -7.60
C GLU D 139 26.68 -6.10 -6.17
N ARG D 140 25.67 -6.26 -5.33
CA ARG D 140 25.76 -5.89 -3.91
C ARG D 140 26.13 -7.07 -2.97
N ASP D 141 26.67 -8.18 -3.52
CA ASP D 141 27.10 -9.36 -2.73
C ASP D 141 26.01 -9.95 -1.81
N MET D 142 24.76 -9.92 -2.29
CA MET D 142 23.62 -10.50 -1.59
C MET D 142 23.33 -11.89 -2.18
N HIS D 143 22.81 -12.77 -1.33
CA HIS D 143 22.35 -14.08 -1.74
C HIS D 143 20.89 -13.97 -2.20
N VAL D 144 20.42 -14.98 -2.93
CA VAL D 144 19.12 -14.91 -3.57
C VAL D 144 18.36 -16.23 -3.45
N ILE D 145 17.09 -16.13 -3.03
CA ILE D 145 16.16 -17.22 -3.03
C ILE D 145 15.14 -16.88 -4.11
N ALA D 146 15.08 -17.68 -5.18
CA ALA D 146 14.16 -17.43 -6.27
C ALA D 146 12.97 -18.37 -6.13
N LEU D 147 11.77 -17.84 -5.99
CA LEU D 147 10.57 -18.66 -6.03
C LEU D 147 10.02 -18.59 -7.43
N THR D 148 10.16 -19.69 -8.17
CA THR D 148 9.76 -19.72 -9.56
C THR D 148 8.78 -20.85 -9.80
N GLY D 149 8.35 -20.95 -11.05
CA GLY D 149 7.50 -22.04 -11.50
C GLY D 149 7.82 -22.39 -12.93
N ARG D 150 7.12 -23.41 -13.44
CA ARG D 150 7.37 -23.98 -14.76
C ARG D 150 8.80 -24.52 -14.83
N ASP D 151 9.67 -23.96 -15.69
CA ASP D 151 11.07 -24.42 -15.82
C ASP D 151 12.07 -23.53 -15.10
N GLY D 152 11.59 -22.46 -14.46
CA GLY D 152 12.44 -21.54 -13.73
C GLY D 152 12.85 -20.31 -14.52
N GLY D 153 12.67 -20.35 -15.85
CA GLY D 153 12.80 -19.18 -16.71
C GLY D 153 14.20 -18.63 -16.75
N LYS D 154 14.33 -17.35 -17.10
CA LYS D 154 15.62 -16.67 -17.08
C LYS D 154 16.21 -16.58 -15.68
N ILE D 155 15.37 -16.32 -14.69
CA ILE D 155 15.86 -16.23 -13.31
C ILE D 155 16.63 -17.49 -12.86
N ALA D 156 16.13 -18.67 -13.20
CA ALA D 156 16.77 -19.93 -12.78
C ALA D 156 18.17 -20.10 -13.38
N ALA D 157 18.31 -19.74 -14.66
CA ALA D 157 19.63 -19.77 -15.32
C ALA D 157 20.62 -18.79 -14.70
N MET D 158 20.11 -17.68 -14.22
CA MET D 158 20.90 -16.56 -13.67
C MET D 158 21.54 -16.81 -12.29
N LEU D 159 21.03 -17.78 -11.52
CA LEU D 159 21.47 -17.99 -10.14
C LEU D 159 22.85 -18.63 -10.00
N LYS D 160 23.49 -18.39 -8.85
CA LYS D 160 24.81 -18.93 -8.51
C LYS D 160 24.73 -20.11 -7.54
N ASP D 161 25.87 -20.73 -7.27
CA ASP D 161 26.00 -21.81 -6.26
C ASP D 161 25.52 -21.39 -4.88
N THR D 162 25.84 -20.15 -4.50
CA THR D 162 25.51 -19.63 -3.18
C THR D 162 24.02 -19.25 -3.01
N ASP D 163 23.31 -19.11 -4.13
CA ASP D 163 21.86 -18.90 -4.14
C ASP D 163 21.09 -20.23 -3.96
N VAL D 164 19.75 -20.16 -3.97
CA VAL D 164 18.87 -21.34 -3.82
C VAL D 164 17.61 -21.17 -4.69
N LEU D 165 17.42 -22.07 -5.64
CA LEU D 165 16.23 -22.09 -6.51
C LEU D 165 15.13 -22.88 -5.83
N LEU D 166 13.91 -22.33 -5.80
CA LEU D 166 12.72 -23.04 -5.31
C LEU D 166 11.67 -23.06 -6.44
N ASN D 167 11.85 -24.00 -7.36
CA ASN D 167 11.01 -24.06 -8.55
C ASN D 167 9.85 -25.06 -8.35
N VAL D 168 8.63 -24.56 -8.47
CA VAL D 168 7.42 -25.37 -8.52
C VAL D 168 7.18 -25.87 -9.95
N PRO D 169 7.28 -27.19 -10.19
CA PRO D 169 7.18 -27.67 -11.55
C PRO D 169 5.71 -27.90 -11.92
N HIS D 170 5.03 -26.83 -12.28
CA HIS D 170 3.64 -26.96 -12.74
C HIS D 170 3.37 -25.79 -13.69
N PRO D 171 2.53 -26.02 -14.73
CA PRO D 171 2.29 -24.95 -15.72
C PRO D 171 1.39 -23.78 -15.27
N ARG D 172 0.31 -24.08 -14.54
CA ARG D 172 -0.67 -23.07 -14.12
C ARG D 172 -0.21 -22.14 -12.97
N THR D 173 -0.47 -20.85 -13.16
CA THR D 173 -0.04 -19.78 -12.26
C THR D 173 -0.68 -19.86 -10.86
N ALA D 174 -1.97 -20.15 -10.81
CA ALA D 174 -2.68 -20.35 -9.54
C ALA D 174 -2.04 -21.44 -8.66
N ARG D 175 -1.67 -22.56 -9.27
CA ARG D 175 -1.07 -23.68 -8.55
C ARG D 175 0.34 -23.34 -8.05
N ILE D 176 1.08 -22.56 -8.83
CA ILE D 176 2.41 -22.12 -8.45
C ILE D 176 2.32 -21.19 -7.24
N GLN D 177 1.39 -20.24 -7.29
CA GLN D 177 1.19 -19.28 -6.20
C GLN D 177 0.87 -20.00 -4.91
N GLU D 178 -0.11 -20.89 -4.95
CA GLU D 178 -0.52 -21.67 -3.78
C GLU D 178 0.65 -22.39 -3.12
N ASN D 179 1.50 -23.00 -3.95
CA ASN D 179 2.70 -23.65 -3.45
C ASN D 179 3.72 -22.66 -2.86
N HIS D 180 3.88 -21.49 -3.46
CA HIS D 180 4.80 -20.47 -2.90
C HIS D 180 4.45 -20.07 -1.47
N ILE D 181 3.16 -19.87 -1.20
CA ILE D 181 2.69 -19.46 0.12
C ILE D 181 2.94 -20.60 1.10
N LEU D 182 2.76 -21.84 0.66
CA LEU D 182 3.17 -23.00 1.47
C LEU D 182 4.68 -22.98 1.79
N LEU D 183 5.50 -22.78 0.76
CA LEU D 183 6.96 -22.71 0.93
C LEU D 183 7.34 -21.61 1.91
N ILE D 184 6.67 -20.46 1.80
CA ILE D 184 6.89 -19.34 2.71
C ILE D 184 6.56 -19.72 4.14
N HIS D 185 5.43 -20.39 4.34
CA HIS D 185 5.05 -20.85 5.68
C HIS D 185 6.01 -21.90 6.25
N ALA D 186 6.54 -22.77 5.38
CA ALA D 186 7.55 -23.78 5.78
C ALA D 186 8.88 -23.13 6.21
N MET D 187 9.31 -22.12 5.47
CA MET D 187 10.53 -21.38 5.79
C MET D 187 10.44 -20.61 7.12
N CYS D 188 9.33 -19.90 7.33
CA CYS D 188 9.10 -19.16 8.57
C CYS D 188 9.08 -20.09 9.79
N ASP D 189 8.43 -21.24 9.68
CA ASP D 189 8.41 -22.21 10.76
C ASP D 189 9.78 -22.88 11.01
N CYS D 190 10.57 -23.06 9.97
CA CYS D 190 11.94 -23.54 10.16
C CYS D 190 12.77 -22.52 10.90
N ILE D 191 12.68 -21.25 10.48
CA ILE D 191 13.41 -20.15 11.14
C ILE D 191 12.96 -20.00 12.60
N ASP D 192 11.66 -20.01 12.86
CA ASP D 192 11.14 -19.98 14.25
C ASP D 192 11.64 -21.13 15.12
N SER D 193 11.67 -22.35 14.58
CA SER D 193 12.10 -23.52 15.37
C SER D 193 13.57 -23.45 15.83
N VAL D 194 14.44 -22.84 15.03
CA VAL D 194 15.86 -22.70 15.38
C VAL D 194 16.10 -21.65 16.49
N LEU D 195 15.33 -20.56 16.50
CA LEU D 195 15.55 -19.46 17.48
C LEU D 195 15.04 -19.79 18.90
ZN ZN E . -3.53 -15.61 -8.10
ZN ZN F . -4.76 16.66 4.95
ZN ZN G . 8.01 15.87 -3.60
ZN ZN H . 0.64 -16.68 6.73
#